data_3WAT
#
_entry.id   3WAT
#
_cell.length_a   82.540
_cell.length_b   82.540
_cell.length_c   307.480
_cell.angle_alpha   90.00
_cell.angle_beta   90.00
_cell.angle_gamma   120.00
#
_symmetry.space_group_name_H-M   'H 3'
#
loop_
_entity.id
_entity.type
_entity.pdbx_description
1 polymer '4-O-beta-D-mannosyl-D-glucose phosphorylase'
2 non-polymer 'PHOSPHATE ION'
3 non-polymer beta-D-glucopyranose
4 non-polymer beta-D-mannopyranose
5 water water
#
_entity_poly.entity_id   1
_entity_poly.type   'polypeptide(L)'
_entity_poly.pdbx_seq_one_letter_code
;MSLFNDKVAKLLAGHEALLMRKNEPVEEGNGVITRYRYPVLTAAHTPVFWRYDLNEETNPFLMERIGMNATLNAGAIKWD
GKYLMLVRVEGADRKSFFAVAESPNGIDNFRFWEYPVTLPEDVVPATNVYDMRLTAHEDGWIYGIFCAERHDDNAPIGDL
SSATATAGIARTKDLKNWERLPDLKTKSQQRNVVLHPEFVDGKYALYTRPQDGFIDTGSGGGIGWALIDDITHAEVGEEK
IIDKRYYHTIKEVKNGEGPHPIKTPQGWLHLAHGVRNCAAGLRYVLYMYMTSLDDPTRLIASPAGYFMAPVGEERIGDVS
NVLFSNGWIADDDGKVFIYYASSDTRMHVATSTIERLVDYCLHTPQDGFSSSASVEILKNLIERNLRLMK
;
_entity_poly.pdbx_strand_id   A,B
#
# COMPACT_ATOMS: atom_id res chain seq x y z
N SER A 2 -21.61 4.21 6.86
CA SER A 2 -21.41 5.56 7.38
C SER A 2 -19.97 6.02 7.14
N LEU A 3 -19.78 7.33 7.09
CA LEU A 3 -18.46 7.88 6.85
C LEU A 3 -17.49 7.48 7.97
N PHE A 4 -17.96 7.50 9.22
CA PHE A 4 -17.12 7.15 10.35
C PHE A 4 -16.64 5.70 10.26
N ASN A 5 -17.56 4.78 10.05
CA ASN A 5 -17.21 3.38 9.97
C ASN A 5 -16.27 3.10 8.79
N ASP A 6 -16.48 3.82 7.69
CA ASP A 6 -15.57 3.69 6.55
C ASP A 6 -14.17 4.16 6.93
N LYS A 7 -14.09 5.24 7.71
CA LYS A 7 -12.79 5.76 8.13
C LYS A 7 -12.07 4.77 9.03
N VAL A 8 -12.80 4.15 9.96
CA VAL A 8 -12.22 3.16 10.85
C VAL A 8 -11.74 1.97 10.02
N ALA A 9 -12.58 1.52 9.09
CA ALA A 9 -12.20 0.39 8.24
C ALA A 9 -10.92 0.66 7.45
N LYS A 10 -10.77 1.89 6.95
CA LYS A 10 -9.58 2.28 6.21
C LYS A 10 -8.34 2.36 7.09
N LEU A 11 -8.50 2.87 8.31
CA LEU A 11 -7.39 2.87 9.26
C LEU A 11 -6.89 1.45 9.49
N LEU A 12 -7.82 0.54 9.71
CA LEU A 12 -7.44 -0.85 9.99
C LEU A 12 -6.78 -1.49 8.76
N ALA A 13 -7.35 -1.22 7.59
CA ALA A 13 -6.86 -1.83 6.36
C ALA A 13 -5.46 -1.33 6.02
N GLY A 14 -5.23 -0.04 6.19
CA GLY A 14 -3.93 0.54 5.93
C GLY A 14 -2.91 -0.04 6.89
N HIS A 15 -3.32 -0.23 8.14
CA HIS A 15 -2.45 -0.79 9.16
C HIS A 15 -2.06 -2.23 8.84
N GLU A 16 -3.02 -3.06 8.43
CA GLU A 16 -2.71 -4.43 8.07
C GLU A 16 -1.74 -4.49 6.89
N ALA A 17 -1.94 -3.61 5.90
CA ALA A 17 -1.05 -3.60 4.74
C ALA A 17 0.37 -3.23 5.14
N LEU A 18 0.51 -2.26 6.05
CA LEU A 18 1.82 -1.90 6.56
C LEU A 18 2.44 -3.09 7.27
N LEU A 19 1.68 -3.71 8.17
CA LEU A 19 2.21 -4.82 8.97
C LEU A 19 2.65 -6.02 8.15
N MET A 20 1.97 -6.23 7.03
CA MET A 20 2.20 -7.45 6.26
C MET A 20 3.22 -7.29 5.14
N ARG A 21 3.75 -6.08 4.99
CA ARG A 21 4.68 -5.78 3.90
C ARG A 21 5.94 -6.65 3.94
N LYS A 22 6.26 -7.27 2.82
CA LYS A 22 7.40 -8.16 2.75
C LYS A 22 8.69 -7.35 2.72
N ASN A 23 9.62 -7.70 3.60
CA ASN A 23 10.90 -7.02 3.57
C ASN A 23 11.75 -7.59 2.45
N GLU A 24 12.71 -6.82 1.99
CA GLU A 24 13.64 -7.29 0.97
C GLU A 24 15.04 -6.90 1.36
N PRO A 25 16.00 -7.81 1.16
CA PRO A 25 17.39 -7.49 1.49
C PRO A 25 17.93 -6.42 0.57
N VAL A 26 18.84 -5.62 1.10
CA VAL A 26 19.60 -4.67 0.29
C VAL A 26 20.78 -5.43 -0.33
N GLU A 27 20.88 -5.36 -1.66
CA GLU A 27 21.88 -6.13 -2.41
C GLU A 27 23.28 -5.67 -2.10
N GLU A 28 23.46 -4.36 -2.11
CA GLU A 28 24.76 -3.77 -1.84
C GLU A 28 25.08 -3.87 -0.36
N GLY A 29 26.15 -4.60 -0.05
CA GLY A 29 26.55 -4.77 1.33
C GLY A 29 28.03 -5.07 1.39
N ASN A 30 28.51 -5.38 2.58
CA ASN A 30 29.94 -5.60 2.78
C ASN A 30 30.33 -7.06 2.97
N GLY A 31 29.37 -7.96 2.78
CA GLY A 31 29.63 -9.38 2.96
C GLY A 31 29.58 -9.87 4.39
N VAL A 32 29.48 -8.95 5.36
CA VAL A 32 29.38 -9.32 6.77
C VAL A 32 27.92 -9.36 7.19
N ILE A 33 27.24 -8.23 6.99
CA ILE A 33 25.82 -8.14 7.29
C ILE A 33 24.99 -7.74 6.08
N THR A 34 23.75 -8.20 6.06
CA THR A 34 22.79 -7.79 5.05
C THR A 34 21.76 -6.90 5.71
N ARG A 35 21.65 -5.67 5.21
CA ARG A 35 20.59 -4.75 5.62
C ARG A 35 19.32 -5.05 4.85
N TYR A 36 18.20 -4.50 5.32
CA TYR A 36 16.88 -4.69 4.70
C TYR A 36 16.24 -3.37 4.31
N ARG A 37 15.39 -3.40 3.28
CA ARG A 37 14.82 -2.17 2.72
C ARG A 37 13.98 -1.38 3.71
N TYR A 38 13.21 -2.10 4.53
CA TYR A 38 12.28 -1.45 5.46
C TYR A 38 12.62 -1.73 6.90
N PRO A 39 12.28 -0.77 7.79
CA PRO A 39 12.38 -1.04 9.22
C PRO A 39 11.46 -2.20 9.59
N VAL A 40 11.81 -2.92 10.66
CA VAL A 40 10.92 -3.94 11.18
C VAL A 40 9.82 -3.34 12.04
N LEU A 41 10.09 -2.21 12.68
CA LEU A 41 9.06 -1.49 13.44
C LEU A 41 9.27 0.02 13.40
N THR A 42 8.16 0.74 13.33
CA THR A 42 8.11 2.20 13.45
C THR A 42 6.94 2.51 14.37
N ALA A 43 6.81 3.77 14.76
CA ALA A 43 5.69 4.18 15.59
C ALA A 43 4.36 3.87 14.91
N ALA A 44 4.36 3.93 13.58
CA ALA A 44 3.17 3.62 12.79
C ALA A 44 2.75 2.14 12.88
N HIS A 45 3.68 1.27 13.30
CA HIS A 45 3.36 -0.15 13.49
C HIS A 45 2.58 -0.45 14.76
N THR A 46 2.54 0.51 15.71
CA THR A 46 1.76 0.28 16.92
C THR A 46 0.30 0.08 16.51
N PRO A 47 -0.44 -0.74 17.28
CA PRO A 47 -1.83 -1.00 16.88
C PRO A 47 -2.69 0.25 16.75
N VAL A 48 -3.64 0.21 15.82
CA VAL A 48 -4.58 1.32 15.66
C VAL A 48 -5.35 1.53 16.96
N PHE A 49 -5.66 0.44 17.65
CA PHE A 49 -6.44 0.51 18.88
C PHE A 49 -5.64 0.92 20.12
N TRP A 50 -4.34 1.16 19.96
CA TRP A 50 -3.55 1.84 21.00
C TRP A 50 -3.67 3.35 20.90
N ARG A 51 -3.90 3.86 19.68
CA ARG A 51 -3.77 5.30 19.42
C ARG A 51 -5.12 6.00 19.32
N TYR A 52 -6.05 5.35 18.64
CA TYR A 52 -7.41 5.89 18.46
C TYR A 52 -8.41 5.25 19.39
N ASP A 53 -9.32 6.09 19.89
CA ASP A 53 -10.59 5.64 20.47
C ASP A 53 -11.51 5.35 19.27
N LEU A 54 -11.89 4.10 19.10
CA LEU A 54 -12.66 3.68 17.93
C LEU A 54 -14.18 3.86 18.10
N ASN A 55 -14.60 4.40 19.24
CA ASN A 55 -16.02 4.63 19.50
C ASN A 55 -16.46 6.01 19.03
N GLU A 56 -17.40 6.04 18.08
CA GLU A 56 -17.89 7.30 17.53
C GLU A 56 -18.51 8.23 18.57
N GLU A 57 -19.08 7.66 19.61
CA GLU A 57 -19.73 8.46 20.65
C GLU A 57 -18.74 9.30 21.43
N THR A 58 -17.58 8.71 21.72
CA THR A 58 -16.57 9.40 22.52
C THR A 58 -15.43 10.01 21.68
N ASN A 59 -15.38 9.68 20.39
CA ASN A 59 -14.34 10.23 19.51
C ASN A 59 -14.93 10.47 18.12
N PRO A 60 -15.92 11.38 18.03
CA PRO A 60 -16.63 11.55 16.75
C PRO A 60 -15.75 12.04 15.60
N PHE A 61 -14.68 12.76 15.90
CA PHE A 61 -13.75 13.23 14.88
C PHE A 61 -12.75 12.16 14.46
N LEU A 62 -12.75 11.03 15.18
CA LEU A 62 -11.78 9.95 14.98
C LEU A 62 -10.34 10.47 14.96
N MET A 63 -9.92 11.07 16.08
CA MET A 63 -8.55 11.53 16.20
C MET A 63 -7.81 10.62 17.16
N GLU A 64 -6.48 10.63 17.08
CA GLU A 64 -5.68 9.88 18.04
C GLU A 64 -5.80 10.47 19.44
N ARG A 65 -6.02 9.59 20.41
CA ARG A 65 -6.08 9.99 21.82
C ARG A 65 -4.74 9.82 22.53
N ILE A 66 -3.94 8.87 22.03
CA ILE A 66 -2.62 8.61 22.62
C ILE A 66 -1.61 8.46 21.49
N GLY A 67 -0.82 9.51 21.25
CA GLY A 67 0.16 9.47 20.18
C GLY A 67 1.33 8.58 20.51
N MET A 68 1.84 7.88 19.51
CA MET A 68 3.03 7.04 19.66
C MET A 68 4.17 7.67 18.88
N ASN A 69 5.32 7.85 19.53
CA ASN A 69 6.43 8.60 18.95
C ASN A 69 7.53 7.75 18.31
N ALA A 70 7.89 6.64 18.94
CA ALA A 70 9.05 5.89 18.49
C ALA A 70 9.02 4.47 18.97
N THR A 71 9.67 3.60 18.20
CA THR A 71 9.84 2.20 18.59
C THR A 71 11.32 1.90 18.42
N LEU A 72 11.99 1.65 19.53
CA LEU A 72 13.46 1.64 19.51
C LEU A 72 14.05 0.64 20.47
N ASN A 73 15.38 0.67 20.54
CA ASN A 73 16.20 -0.12 21.46
C ASN A 73 15.52 -1.35 22.05
N ALA A 74 15.35 -2.36 21.20
CA ALA A 74 14.53 -3.51 21.55
C ALA A 74 15.39 -4.69 21.99
N GLY A 75 14.96 -5.36 23.05
CA GLY A 75 15.52 -6.67 23.35
C GLY A 75 14.99 -7.67 22.34
N ALA A 76 15.48 -8.91 22.40
CA ALA A 76 15.01 -9.94 21.46
C ALA A 76 15.19 -11.33 22.01
N ILE A 77 14.28 -12.22 21.65
CA ILE A 77 14.36 -13.61 22.08
C ILE A 77 13.61 -14.50 21.10
N LYS A 78 14.13 -15.70 20.88
CA LYS A 78 13.39 -16.71 20.14
C LYS A 78 12.46 -17.34 21.14
N TRP A 79 11.18 -17.35 20.81
CA TRP A 79 10.14 -17.74 21.73
C TRP A 79 9.07 -18.59 21.08
N ASP A 80 8.96 -19.84 21.53
CA ASP A 80 7.93 -20.75 21.05
C ASP A 80 7.87 -20.75 19.52
N GLY A 81 9.04 -20.82 18.89
CA GLY A 81 9.11 -20.87 17.44
C GLY A 81 9.00 -19.53 16.73
N LYS A 82 8.80 -18.45 17.49
CA LYS A 82 8.65 -17.14 16.88
C LYS A 82 9.82 -16.23 17.21
N TYR A 83 9.93 -15.15 16.44
CA TYR A 83 10.97 -14.16 16.65
C TYR A 83 10.36 -12.97 17.37
N LEU A 84 10.83 -12.71 18.60
CA LEU A 84 10.22 -11.70 19.44
C LEU A 84 11.17 -10.54 19.68
N MET A 85 10.65 -9.33 19.56
CA MET A 85 11.33 -8.16 20.11
C MET A 85 10.63 -7.69 21.37
N LEU A 86 11.43 -7.25 22.34
CA LEU A 86 10.96 -6.59 23.53
C LEU A 86 11.20 -5.10 23.29
N VAL A 87 10.19 -4.45 22.71
CA VAL A 87 10.34 -3.12 22.16
C VAL A 87 10.27 -2.05 23.24
N ARG A 88 11.13 -1.04 23.12
CA ARG A 88 10.95 0.20 23.84
C ARG A 88 10.08 1.11 22.98
N VAL A 89 8.86 1.34 23.46
CA VAL A 89 7.91 2.21 22.75
C VAL A 89 7.85 3.50 23.50
N GLU A 90 8.12 4.61 22.81
CA GLU A 90 8.04 5.91 23.47
C GLU A 90 6.79 6.61 22.99
N GLY A 91 5.93 7.01 23.93
CA GLY A 91 4.74 7.75 23.57
C GLY A 91 5.02 9.22 23.26
N ALA A 92 4.04 9.91 22.70
CA ALA A 92 4.14 11.35 22.52
C ALA A 92 4.33 12.07 23.85
N ASP A 93 4.00 11.41 24.95
CA ASP A 93 4.20 12.00 26.28
C ASP A 93 5.65 11.91 26.78
N ARG A 94 6.51 11.30 25.98
CA ARG A 94 7.95 11.16 26.23
C ARG A 94 8.33 10.08 27.24
N LYS A 95 7.32 9.37 27.75
CA LYS A 95 7.61 8.19 28.55
C LYS A 95 7.72 6.97 27.66
N SER A 96 8.58 6.04 28.05
CA SER A 96 8.71 4.76 27.36
C SER A 96 8.07 3.67 28.18
N PHE A 97 7.60 2.63 27.49
CA PHE A 97 7.14 1.41 28.13
C PHE A 97 7.57 0.26 27.25
N PHE A 98 7.49 -0.95 27.79
CA PHE A 98 7.93 -2.12 27.06
C PHE A 98 6.75 -2.80 26.40
N ALA A 99 6.99 -3.44 25.26
CA ALA A 99 5.92 -4.12 24.56
C ALA A 99 6.47 -5.22 23.68
N VAL A 100 5.86 -6.39 23.74
CA VAL A 100 6.30 -7.52 22.92
C VAL A 100 5.74 -7.38 21.51
N ALA A 101 6.58 -7.64 20.52
CA ALA A 101 6.16 -7.75 19.12
C ALA A 101 6.74 -9.05 18.57
N GLU A 102 5.92 -9.77 17.79
CA GLU A 102 6.37 -11.06 17.26
C GLU A 102 6.23 -11.19 15.75
N SER A 103 7.13 -11.98 15.18
CA SER A 103 7.19 -12.26 13.75
C SER A 103 7.39 -13.75 13.52
N PRO A 104 6.79 -14.30 12.45
CA PRO A 104 7.02 -15.72 12.13
C PRO A 104 8.36 -15.97 11.45
N ASN A 105 9.03 -14.94 10.94
CA ASN A 105 10.22 -15.15 10.13
C ASN A 105 11.47 -14.35 10.52
N GLY A 106 11.29 -13.33 11.34
CA GLY A 106 12.43 -12.57 11.85
C GLY A 106 12.80 -11.30 11.11
N ILE A 107 12.27 -11.11 9.91
CA ILE A 107 12.59 -9.91 9.13
C ILE A 107 11.38 -9.05 8.75
N ASP A 108 10.17 -9.59 8.86
CA ASP A 108 8.98 -8.78 8.62
C ASP A 108 7.75 -9.34 9.33
N ASN A 109 6.61 -8.68 9.16
CA ASN A 109 5.37 -9.12 9.77
C ASN A 109 5.46 -9.19 11.29
N PHE A 110 6.24 -8.28 11.86
CA PHE A 110 6.22 -8.08 13.31
C PHE A 110 4.90 -7.42 13.69
N ARG A 111 4.28 -7.94 14.74
CA ARG A 111 3.01 -7.40 15.22
C ARG A 111 3.07 -7.31 16.72
N PHE A 112 2.67 -6.18 17.27
CA PHE A 112 2.64 -6.06 18.72
C PHE A 112 1.57 -6.96 19.32
N TRP A 113 1.89 -7.59 20.45
CA TRP A 113 0.86 -8.20 21.26
C TRP A 113 -0.15 -7.13 21.64
N GLU A 114 -1.42 -7.51 21.79
CA GLU A 114 -2.48 -6.51 21.95
C GLU A 114 -2.32 -5.60 23.17
N TYR A 115 -1.74 -6.13 24.26
CA TYR A 115 -1.39 -5.32 25.41
C TYR A 115 0.12 -5.24 25.55
N PRO A 116 0.62 -4.07 25.96
CA PRO A 116 2.05 -3.91 26.21
C PRO A 116 2.43 -4.57 27.54
N VAL A 117 3.68 -4.44 27.95
CA VAL A 117 4.16 -5.05 29.18
C VAL A 117 3.71 -4.27 30.42
N THR A 118 3.11 -4.99 31.36
CA THR A 118 2.87 -4.43 32.69
C THR A 118 4.04 -4.79 33.60
N LEU A 119 4.81 -3.78 33.97
CA LEU A 119 6.01 -3.96 34.76
C LEU A 119 5.82 -3.35 36.15
N PRO A 120 5.74 -4.20 37.18
CA PRO A 120 5.58 -3.65 38.54
C PRO A 120 6.77 -2.77 38.94
N GLU A 121 6.49 -1.73 39.73
CA GLU A 121 7.55 -0.89 40.26
C GLU A 121 8.35 -1.65 41.30
N ASP A 122 9.63 -1.30 41.45
CA ASP A 122 10.42 -1.72 42.61
C ASP A 122 10.01 -0.81 43.77
N VAL A 123 10.66 -0.93 44.92
CA VAL A 123 10.24 -0.18 46.11
C VAL A 123 10.25 1.34 45.90
N VAL A 124 11.23 1.84 45.15
CA VAL A 124 11.25 3.24 44.73
C VAL A 124 10.71 3.34 43.31
N PRO A 125 9.63 4.11 43.11
CA PRO A 125 9.05 4.22 41.76
C PRO A 125 10.04 4.82 40.77
N ALA A 126 9.90 4.43 39.51
CA ALA A 126 10.74 4.97 38.46
C ALA A 126 9.90 5.84 37.54
N THR A 127 10.53 6.88 36.99
CA THR A 127 9.84 7.74 36.04
C THR A 127 9.85 7.13 34.64
N ASN A 128 11.02 6.66 34.21
CA ASN A 128 11.09 6.03 32.90
C ASN A 128 11.80 4.69 33.02
N VAL A 129 11.41 3.75 32.17
CA VAL A 129 12.12 2.49 32.06
C VAL A 129 12.44 2.28 30.58
N TYR A 130 13.62 1.72 30.31
CA TYR A 130 14.04 1.59 28.92
C TYR A 130 15.13 0.56 28.65
N ASP A 131 15.20 0.14 27.38
CA ASP A 131 16.33 -0.61 26.83
C ASP A 131 16.52 -1.97 27.50
N MET A 132 15.51 -2.83 27.40
CA MET A 132 15.60 -4.08 28.15
C MET A 132 16.38 -5.12 27.36
N ARG A 133 17.30 -5.80 28.04
CA ARG A 133 17.94 -6.99 27.47
C ARG A 133 17.30 -8.21 28.07
N LEU A 134 16.84 -9.11 27.21
CA LEU A 134 16.28 -10.40 27.65
C LEU A 134 17.36 -11.46 27.74
N THR A 135 17.37 -12.21 28.85
CA THR A 135 18.24 -13.37 28.96
C THR A 135 17.46 -14.59 29.41
N ALA A 136 17.40 -15.60 28.54
CA ALA A 136 16.90 -16.91 28.97
C ALA A 136 18.02 -17.55 29.75
N HIS A 137 17.94 -17.43 31.08
CA HIS A 137 19.00 -17.93 31.94
C HIS A 137 18.84 -19.43 32.18
N GLU A 138 19.95 -20.10 32.47
CA GLU A 138 19.90 -21.54 32.71
C GLU A 138 19.05 -21.89 33.94
N ASP A 139 18.82 -20.91 34.81
CA ASP A 139 17.96 -21.13 35.99
C ASP A 139 16.46 -21.23 35.67
N GLY A 140 16.11 -21.11 34.39
CA GLY A 140 14.74 -21.34 33.96
C GLY A 140 13.89 -20.09 33.82
N TRP A 141 14.41 -18.96 34.26
CA TRP A 141 13.70 -17.69 34.09
C TRP A 141 14.17 -16.91 32.86
N ILE A 142 13.25 -16.14 32.28
CA ILE A 142 13.63 -15.06 31.36
C ILE A 142 13.80 -13.78 32.17
N TYR A 143 15.02 -13.26 32.19
CA TYR A 143 15.31 -12.00 32.85
C TYR A 143 15.27 -10.85 31.87
N GLY A 144 14.71 -9.73 32.31
CA GLY A 144 14.84 -8.48 31.60
C GLY A 144 15.63 -7.53 32.48
N ILE A 145 16.81 -7.14 32.02
CA ILE A 145 17.62 -6.13 32.70
C ILE A 145 17.50 -4.82 31.92
N PHE A 146 17.12 -3.76 32.61
CA PHE A 146 16.76 -2.51 31.92
C PHE A 146 17.24 -1.31 32.70
N CYS A 147 17.05 -0.11 32.14
CA CYS A 147 17.39 1.09 32.87
C CYS A 147 16.15 1.63 33.55
N ALA A 148 16.26 1.86 34.85
CA ALA A 148 15.21 2.54 35.60
C ALA A 148 15.70 3.94 35.94
N GLU A 149 15.00 4.96 35.46
CA GLU A 149 15.46 6.33 35.61
C GLU A 149 14.56 7.18 36.50
N ARG A 150 15.18 7.99 37.34
CA ARG A 150 14.47 8.85 38.28
C ARG A 150 15.08 10.25 38.27
N HIS A 151 14.29 11.27 38.60
CA HIS A 151 14.84 12.62 38.72
C HIS A 151 15.82 12.67 39.89
N ASP A 152 16.87 13.45 39.72
CA ASP A 152 17.83 13.71 40.78
C ASP A 152 17.50 15.06 41.39
N ASP A 153 16.90 15.04 42.58
CA ASP A 153 16.47 16.24 43.27
C ASP A 153 17.67 17.12 43.65
N ASN A 154 18.85 16.50 43.76
CA ASN A 154 20.06 17.25 44.04
C ASN A 154 20.60 17.95 42.80
N ALA A 155 19.96 19.06 42.46
CA ALA A 155 20.31 19.84 41.30
C ALA A 155 19.93 21.28 41.61
N PRO A 156 20.57 22.25 40.96
CA PRO A 156 20.20 23.65 41.12
C PRO A 156 18.70 23.87 40.91
N ILE A 157 18.12 24.92 41.50
CA ILE A 157 16.69 25.13 41.32
C ILE A 157 16.43 25.38 39.84
N GLY A 158 15.34 24.83 39.34
CA GLY A 158 15.02 24.93 37.93
C GLY A 158 15.59 23.81 37.09
N ASP A 159 16.50 23.01 37.66
CA ASP A 159 17.12 21.90 36.92
C ASP A 159 16.19 20.69 36.92
N LEU A 160 15.52 20.48 35.79
CA LEU A 160 14.56 19.38 35.68
C LEU A 160 15.11 18.31 34.75
N SER A 161 16.42 18.37 34.49
CA SER A 161 17.08 17.40 33.62
C SER A 161 17.99 16.44 34.38
N SER A 162 18.41 16.83 35.58
CA SER A 162 19.26 15.97 36.40
C SER A 162 18.53 14.67 36.74
N ALA A 163 19.18 13.54 36.42
CA ALA A 163 18.56 12.24 36.61
C ALA A 163 19.56 11.22 37.12
N THR A 164 19.03 10.10 37.61
CA THR A 164 19.86 8.98 38.03
C THR A 164 19.41 7.74 37.27
N ALA A 165 20.39 6.95 36.82
CA ALA A 165 20.13 5.70 36.14
C ALA A 165 20.52 4.53 37.04
N THR A 166 19.59 3.60 37.24
CA THR A 166 19.89 2.35 37.94
C THR A 166 19.51 1.17 37.06
N ALA A 167 20.09 0.01 37.35
CA ALA A 167 19.72 -1.21 36.64
C ALA A 167 18.51 -1.89 37.28
N GLY A 168 17.39 -1.91 36.54
CA GLY A 168 16.22 -2.65 36.95
C GLY A 168 16.30 -4.11 36.54
N ILE A 169 15.71 -4.97 37.36
CA ILE A 169 15.73 -6.40 37.15
C ILE A 169 14.33 -6.95 37.31
N ALA A 170 13.87 -7.65 36.28
CA ALA A 170 12.57 -8.30 36.32
C ALA A 170 12.69 -9.67 35.68
N ARG A 171 11.81 -10.59 36.04
CA ARG A 171 11.85 -11.89 35.39
C ARG A 171 10.45 -12.43 35.12
N THR A 172 10.37 -13.36 34.19
CA THR A 172 9.09 -13.87 33.74
C THR A 172 9.26 -15.23 33.14
N LYS A 173 8.17 -15.99 33.06
CA LYS A 173 8.23 -17.23 32.31
C LYS A 173 7.29 -17.22 31.12
N ASP A 174 6.56 -16.12 30.93
CA ASP A 174 5.64 -16.05 29.80
C ASP A 174 5.61 -14.71 29.07
N LEU A 175 6.42 -13.77 29.55
CA LEU A 175 6.52 -12.42 28.96
C LEU A 175 5.26 -11.59 29.13
N LYS A 176 4.34 -12.07 29.96
CA LYS A 176 3.12 -11.35 30.28
C LYS A 176 3.05 -11.00 31.76
N ASN A 177 3.37 -11.99 32.60
CA ASN A 177 3.41 -11.76 34.03
C ASN A 177 4.86 -11.57 34.50
N TRP A 178 5.18 -10.36 34.94
CA TRP A 178 6.54 -10.02 35.29
C TRP A 178 6.69 -9.79 36.79
N GLU A 179 7.72 -10.42 37.35
CA GLU A 179 8.08 -10.18 38.73
C GLU A 179 9.22 -9.16 38.78
N ARG A 180 9.03 -8.10 39.53
CA ARG A 180 10.07 -7.08 39.67
C ARG A 180 10.95 -7.39 40.86
N LEU A 181 12.24 -7.57 40.61
CA LEU A 181 13.18 -7.83 41.69
C LEU A 181 13.81 -6.50 42.15
N PRO A 182 14.56 -6.51 43.27
CA PRO A 182 15.16 -5.23 43.68
C PRO A 182 16.15 -4.69 42.64
N ASP A 183 16.15 -3.37 42.43
CA ASP A 183 17.11 -2.75 41.53
C ASP A 183 18.52 -3.16 41.96
N LEU A 184 19.43 -3.29 40.98
CA LEU A 184 20.82 -3.62 41.29
C LEU A 184 21.46 -2.58 42.20
N LYS A 185 22.07 -3.04 43.29
CA LYS A 185 22.81 -2.16 44.19
C LYS A 185 24.25 -2.07 43.73
N THR A 186 24.74 -0.85 43.59
CA THR A 186 26.03 -0.59 42.99
C THR A 186 26.55 0.77 43.44
N LYS A 187 27.87 0.95 43.41
CA LYS A 187 28.45 2.20 43.90
C LYS A 187 28.45 3.33 42.87
N SER A 188 28.14 2.99 41.63
CA SER A 188 28.02 4.01 40.60
C SER A 188 26.69 3.91 39.89
N GLN A 189 26.38 4.90 39.07
CA GLN A 189 25.28 4.80 38.13
C GLN A 189 25.56 3.67 37.16
N GLN A 190 24.50 3.12 36.59
CA GLN A 190 24.62 1.98 35.68
C GLN A 190 23.56 2.10 34.59
N ARG A 191 23.95 1.79 33.37
CA ARG A 191 23.02 1.60 32.26
C ARG A 191 23.72 0.60 31.36
N ASN A 192 22.96 -0.11 30.53
CA ASN A 192 23.48 -1.21 29.72
C ASN A 192 23.96 -2.40 30.54
N VAL A 193 23.32 -2.65 31.67
CA VAL A 193 23.59 -3.88 32.42
C VAL A 193 22.87 -5.04 31.71
N VAL A 194 23.53 -6.20 31.64
CA VAL A 194 23.04 -7.32 30.84
C VAL A 194 23.37 -8.62 31.58
N LEU A 195 22.42 -9.57 31.63
CA LEU A 195 22.68 -10.85 32.30
C LEU A 195 23.28 -11.89 31.36
N HIS A 196 24.44 -12.41 31.75
CA HIS A 196 25.09 -13.53 31.05
C HIS A 196 24.22 -14.77 31.24
N PRO A 197 24.07 -15.60 30.19
CA PRO A 197 23.06 -16.66 30.29
C PRO A 197 23.46 -17.87 31.13
N GLU A 198 24.74 -18.00 31.48
CA GLU A 198 25.18 -19.13 32.30
C GLU A 198 25.74 -18.66 33.64
N PHE A 199 25.58 -19.50 34.66
CA PHE A 199 26.30 -19.29 35.91
C PHE A 199 27.79 -19.36 35.62
N VAL A 200 28.57 -18.54 36.33
CA VAL A 200 30.02 -18.59 36.27
C VAL A 200 30.49 -18.70 37.72
N ASP A 201 31.30 -19.71 37.99
CA ASP A 201 31.65 -20.07 39.38
C ASP A 201 30.39 -20.20 40.25
N GLY A 202 29.32 -20.69 39.66
CA GLY A 202 28.08 -20.90 40.38
C GLY A 202 27.32 -19.63 40.73
N LYS A 203 27.73 -18.52 40.12
CA LYS A 203 27.12 -17.23 40.40
C LYS A 203 26.52 -16.61 39.15
N TYR A 204 25.54 -15.74 39.34
CA TYR A 204 25.02 -14.93 38.23
C TYR A 204 26.12 -13.97 37.80
N ALA A 205 26.21 -13.73 36.50
CA ALA A 205 27.23 -12.85 35.95
C ALA A 205 26.56 -11.74 35.18
N LEU A 206 26.93 -10.50 35.51
CA LEU A 206 26.40 -9.33 34.80
C LEU A 206 27.48 -8.61 34.00
N TYR A 207 27.11 -8.17 32.80
CA TYR A 207 27.88 -7.15 32.10
C TYR A 207 27.40 -5.84 32.67
N THR A 208 28.33 -4.95 32.99
CA THR A 208 27.96 -3.68 33.60
C THR A 208 28.60 -2.54 32.82
N ARG A 209 28.28 -1.31 33.20
CA ARG A 209 28.86 -0.14 32.55
C ARG A 209 28.89 1.00 33.55
N PRO A 210 29.89 0.99 34.44
CA PRO A 210 29.95 2.02 35.47
C PRO A 210 30.10 3.41 34.87
N GLN A 211 29.42 4.38 35.46
CA GLN A 211 29.43 5.75 34.95
C GLN A 211 29.30 6.73 36.10
N ASP A 212 30.07 7.82 36.03
CA ASP A 212 30.09 8.81 37.12
C ASP A 212 28.86 9.68 37.11
N GLY A 213 28.28 9.87 35.92
CA GLY A 213 27.11 10.73 35.78
C GLY A 213 26.00 10.03 35.02
N PHE A 214 24.90 10.75 34.82
CA PHE A 214 23.75 10.21 34.11
C PHE A 214 24.04 10.04 32.61
N ILE A 215 24.79 10.97 32.05
CA ILE A 215 25.11 10.92 30.62
C ILE A 215 26.58 10.59 30.37
N ASP A 216 27.46 11.18 31.16
CA ASP A 216 28.90 10.97 30.95
C ASP A 216 29.49 9.89 31.86
N THR A 217 30.39 9.09 31.30
CA THR A 217 30.98 7.98 32.06
C THR A 217 32.03 8.45 33.05
N GLY A 218 32.72 9.54 32.71
CA GLY A 218 33.81 10.01 33.54
C GLY A 218 34.91 8.98 33.70
N SER A 219 35.15 8.54 34.93
CA SER A 219 36.19 7.54 35.20
C SER A 219 35.83 6.14 34.72
N GLY A 220 34.56 5.91 34.38
CA GLY A 220 34.10 4.60 33.93
C GLY A 220 34.90 4.11 32.74
N GLY A 221 35.56 2.97 32.88
CA GLY A 221 36.57 2.54 31.91
C GLY A 221 36.10 1.73 30.72
N GLY A 222 34.85 1.25 30.79
CA GLY A 222 34.32 0.46 29.70
C GLY A 222 33.21 -0.47 30.14
N ILE A 223 33.13 -1.62 29.48
CA ILE A 223 32.13 -2.63 29.79
C ILE A 223 32.70 -3.52 30.89
N GLY A 224 31.96 -3.61 31.99
CA GLY A 224 32.42 -4.32 33.18
C GLY A 224 31.81 -5.70 33.34
N TRP A 225 32.36 -6.45 34.28
CA TRP A 225 31.91 -7.80 34.58
C TRP A 225 31.84 -7.93 36.08
N ALA A 226 30.70 -8.40 36.57
CA ALA A 226 30.47 -8.52 38.00
C ALA A 226 29.73 -9.80 38.30
N LEU A 227 30.27 -10.62 39.20
CA LEU A 227 29.57 -11.81 39.66
C LEU A 227 28.67 -11.49 40.85
N ILE A 228 27.46 -12.02 40.80
CA ILE A 228 26.39 -11.71 41.73
C ILE A 228 25.92 -13.00 42.41
N ASP A 229 25.94 -13.02 43.73
CA ASP A 229 25.52 -14.20 44.46
C ASP A 229 24.04 -14.52 44.29
N ASP A 230 23.22 -13.49 44.45
CA ASP A 230 21.77 -13.65 44.53
C ASP A 230 21.10 -12.61 43.64
N ILE A 231 20.55 -13.05 42.51
CA ILE A 231 19.89 -12.13 41.57
C ILE A 231 18.62 -11.49 42.16
N THR A 232 18.06 -12.09 43.22
CA THR A 232 16.90 -11.50 43.89
C THR A 232 17.27 -10.50 44.97
N HIS A 233 18.57 -10.37 45.21
CA HIS A 233 19.09 -9.31 46.07
C HIS A 233 20.42 -8.89 45.48
N ALA A 234 20.38 -8.41 44.25
CA ALA A 234 21.59 -8.24 43.43
C ALA A 234 22.43 -7.07 43.89
N GLU A 235 23.70 -7.33 44.18
CA GLU A 235 24.62 -6.29 44.60
C GLU A 235 26.00 -6.58 44.06
N VAL A 236 26.59 -5.59 43.42
CA VAL A 236 27.94 -5.76 42.89
C VAL A 236 28.96 -5.66 44.02
N GLY A 237 29.92 -6.58 44.01
CA GLY A 237 31.09 -6.47 44.86
C GLY A 237 32.23 -6.01 43.98
N GLU A 238 32.96 -6.97 43.43
CA GLU A 238 34.03 -6.65 42.49
C GLU A 238 33.49 -6.43 41.09
N GLU A 239 34.10 -5.46 40.40
CA GLU A 239 33.70 -5.07 39.06
C GLU A 239 34.96 -4.90 38.21
N LYS A 240 35.07 -5.72 37.15
CA LYS A 240 36.25 -5.77 36.31
C LYS A 240 35.89 -5.29 34.91
N ILE A 241 36.67 -4.35 34.36
CA ILE A 241 36.45 -3.92 32.99
C ILE A 241 36.98 -4.97 32.00
N ILE A 242 36.13 -5.39 31.06
CA ILE A 242 36.46 -6.43 30.09
C ILE A 242 36.78 -5.83 28.73
N ASP A 243 36.03 -4.81 28.34
CA ASP A 243 36.30 -4.14 27.07
C ASP A 243 36.39 -2.65 27.29
N LYS A 244 37.56 -2.10 26.99
CA LYS A 244 37.93 -0.74 27.40
C LYS A 244 37.64 0.31 26.35
N ARG A 245 37.38 1.53 26.80
CA ARG A 245 37.38 2.67 25.90
C ARG A 245 38.80 2.99 25.48
N TYR A 246 38.94 3.55 24.28
CA TYR A 246 40.25 3.96 23.76
C TYR A 246 40.18 5.27 22.99
N TYR A 247 41.16 6.13 23.22
CA TYR A 247 41.29 7.38 22.47
C TYR A 247 41.34 7.13 20.97
N HIS A 248 40.56 7.92 20.25
CA HIS A 248 40.52 7.92 18.79
C HIS A 248 40.00 6.64 18.14
N THR A 249 39.24 5.89 18.91
CA THR A 249 38.44 4.80 18.37
C THR A 249 36.97 5.18 18.36
N ILE A 250 36.16 4.28 17.82
CA ILE A 250 34.72 4.48 17.80
C ILE A 250 34.11 4.32 19.20
N LYS A 251 34.91 3.86 20.16
CA LYS A 251 34.44 3.75 21.55
C LYS A 251 35.33 4.61 22.45
N GLU A 252 35.36 5.91 22.18
CA GLU A 252 36.22 6.81 22.93
C GLU A 252 35.59 7.32 24.22
N VAL A 253 34.39 7.89 24.11
CA VAL A 253 33.76 8.58 25.24
C VAL A 253 32.94 7.64 26.10
N LYS A 254 32.27 6.68 25.47
CA LYS A 254 31.41 5.73 26.16
C LYS A 254 31.37 4.45 25.36
N ASN A 255 31.00 3.36 26.03
CA ASN A 255 30.62 2.15 25.33
C ASN A 255 29.65 1.39 26.21
N GLY A 256 29.07 0.31 25.69
CA GLY A 256 28.19 -0.51 26.51
C GLY A 256 27.82 -1.76 25.78
N GLU A 257 27.64 -2.84 26.54
CA GLU A 257 27.19 -4.10 25.98
C GLU A 257 25.80 -3.93 25.40
N GLY A 258 25.53 -4.60 24.28
CA GLY A 258 24.20 -4.60 23.68
C GLY A 258 23.36 -5.74 24.24
N PRO A 259 22.95 -6.69 23.37
CA PRO A 259 22.30 -7.91 23.87
C PRO A 259 23.31 -8.78 24.59
N HIS A 260 22.86 -9.84 25.28
CA HIS A 260 23.84 -10.75 25.83
C HIS A 260 24.53 -11.47 24.68
N PRO A 261 25.80 -11.87 24.87
CA PRO A 261 26.55 -12.47 23.78
C PRO A 261 26.03 -13.84 23.36
N ILE A 262 26.37 -14.24 22.14
CA ILE A 262 26.00 -15.54 21.62
C ILE A 262 27.16 -16.50 21.86
N LYS A 263 26.86 -17.70 22.37
CA LYS A 263 27.89 -18.72 22.55
C LYS A 263 28.24 -19.39 21.21
N THR A 264 29.51 -19.37 20.86
CA THR A 264 29.99 -20.08 19.67
C THR A 264 31.11 -21.04 20.07
N PRO A 265 31.45 -22.00 19.18
CA PRO A 265 32.56 -22.89 19.54
C PRO A 265 33.88 -22.13 19.71
N GLN A 266 33.96 -20.92 19.14
CA GLN A 266 35.19 -20.13 19.18
C GLN A 266 35.24 -19.18 20.37
N GLY A 267 34.12 -19.04 21.07
CA GLY A 267 34.04 -18.11 22.17
C GLY A 267 32.71 -17.38 22.23
N TRP A 268 32.56 -16.51 23.22
CA TRP A 268 31.39 -15.65 23.30
C TRP A 268 31.48 -14.52 22.29
N LEU A 269 30.42 -14.36 21.51
CA LEU A 269 30.35 -13.38 20.45
C LEU A 269 29.54 -12.18 20.94
N HIS A 270 30.17 -11.01 21.03
CA HIS A 270 29.51 -9.84 21.62
C HIS A 270 29.16 -8.76 20.60
N LEU A 271 28.06 -8.07 20.88
CA LEU A 271 27.65 -6.90 20.14
C LEU A 271 27.46 -5.77 21.14
N ALA A 272 28.10 -4.63 20.86
CA ALA A 272 28.14 -3.48 21.77
C ALA A 272 27.97 -2.17 21.01
N HIS A 273 27.75 -1.08 21.73
CA HIS A 273 27.82 0.23 21.10
C HIS A 273 29.00 1.04 21.61
N GLY A 274 29.50 1.90 20.73
CA GLY A 274 30.59 2.79 21.07
C GLY A 274 30.21 4.22 20.72
N VAL A 275 30.67 5.16 21.54
CA VAL A 275 30.31 6.57 21.38
C VAL A 275 31.54 7.44 21.29
N ARG A 276 31.48 8.46 20.44
CA ARG A 276 32.47 9.53 20.44
C ARG A 276 31.74 10.86 20.29
N ASN A 277 32.42 11.95 20.63
CA ASN A 277 31.86 13.28 20.45
C ASN A 277 32.28 13.87 19.10
N CYS A 278 31.39 14.65 18.50
CA CYS A 278 31.71 15.39 17.29
C CYS A 278 30.96 16.70 17.33
N ALA A 279 31.13 17.52 16.28
CA ALA A 279 30.53 18.85 16.28
C ALA A 279 29.01 18.81 16.34
N ALA A 280 28.43 17.67 15.96
CA ALA A 280 26.97 17.51 15.94
C ALA A 280 26.42 16.87 17.20
N GLY A 281 27.31 16.51 18.14
CA GLY A 281 26.88 15.85 19.36
C GLY A 281 27.51 14.48 19.49
N LEU A 282 26.81 13.56 20.15
CA LEU A 282 27.34 12.21 20.33
C LEU A 282 27.02 11.33 19.14
N ARG A 283 28.00 10.54 18.71
CA ARG A 283 27.81 9.64 17.59
C ARG A 283 27.95 8.20 18.07
N TYR A 284 26.92 7.40 17.83
CA TYR A 284 26.86 6.03 18.30
C TYR A 284 26.94 5.05 17.13
N VAL A 285 27.86 4.09 17.24
CA VAL A 285 27.97 3.01 16.27
C VAL A 285 28.00 1.67 16.99
N LEU A 286 27.84 0.59 16.23
CA LEU A 286 27.94 -0.75 16.81
C LEU A 286 29.30 -1.35 16.57
N TYR A 287 29.76 -2.18 17.50
CA TYR A 287 31.01 -2.91 17.28
C TYR A 287 30.94 -4.29 17.94
N MET A 288 31.90 -5.15 17.61
CA MET A 288 31.89 -6.51 18.15
C MET A 288 33.20 -6.87 18.83
N TYR A 289 33.13 -7.85 19.71
CA TYR A 289 34.33 -8.42 20.28
C TYR A 289 34.04 -9.84 20.72
N MET A 290 35.08 -10.62 21.01
CA MET A 290 34.86 -11.98 21.50
C MET A 290 35.61 -12.22 22.77
N THR A 291 35.06 -13.07 23.64
CA THR A 291 35.75 -13.48 24.85
C THR A 291 35.83 -15.01 24.92
N SER A 292 36.69 -15.51 25.79
CA SER A 292 36.97 -16.94 25.89
C SER A 292 35.83 -17.72 26.55
N LEU A 293 35.58 -18.93 26.06
CA LEU A 293 34.68 -19.86 26.75
C LEU A 293 35.25 -20.25 28.11
N ASP A 294 36.55 -20.49 28.19
CA ASP A 294 37.16 -20.87 29.46
C ASP A 294 37.09 -19.76 30.49
N ASP A 295 37.31 -18.53 30.03
CA ASP A 295 37.27 -17.37 30.90
C ASP A 295 36.55 -16.26 30.14
N PRO A 296 35.26 -16.08 30.41
CA PRO A 296 34.49 -15.07 29.69
C PRO A 296 34.94 -13.64 29.96
N THR A 297 35.89 -13.43 30.88
CA THR A 297 36.41 -12.08 31.12
C THR A 297 37.58 -11.76 30.20
N ARG A 298 38.05 -12.76 29.47
CA ARG A 298 39.26 -12.63 28.66
C ARG A 298 38.95 -12.37 27.19
N LEU A 299 39.35 -11.20 26.69
CA LEU A 299 39.17 -10.87 25.27
C LEU A 299 39.99 -11.78 24.39
N ILE A 300 39.38 -12.28 23.33
CA ILE A 300 40.13 -13.09 22.36
C ILE A 300 40.00 -12.58 20.93
N ALA A 301 39.13 -11.59 20.71
CA ALA A 301 39.04 -10.97 19.40
C ALA A 301 38.56 -9.54 19.54
N SER A 302 39.31 -8.64 18.91
CA SER A 302 39.01 -7.21 18.90
C SER A 302 39.19 -6.65 17.50
N PRO A 303 38.23 -6.94 16.61
CA PRO A 303 38.31 -6.38 15.27
C PRO A 303 38.32 -4.86 15.35
N ALA A 304 39.17 -4.19 14.56
CA ALA A 304 39.22 -2.73 14.60
C ALA A 304 37.92 -2.09 14.19
N GLY A 305 37.62 -0.95 14.79
CA GLY A 305 36.58 -0.06 14.31
C GLY A 305 35.17 -0.53 14.51
N TYR A 306 34.26 0.05 13.72
CA TYR A 306 32.86 -0.29 13.85
C TYR A 306 32.42 -1.48 13.01
N PHE A 307 31.40 -2.15 13.51
CA PHE A 307 30.75 -3.27 12.85
C PHE A 307 29.64 -2.73 11.96
N MET A 308 28.83 -1.82 12.50
CA MET A 308 27.80 -1.12 11.73
C MET A 308 27.75 0.33 12.19
N ALA A 309 27.49 1.23 11.25
CA ALA A 309 27.31 2.65 11.53
C ALA A 309 26.11 3.14 10.71
N PRO A 310 25.51 4.28 11.09
CA PRO A 310 24.33 4.72 10.34
C PRO A 310 24.56 4.91 8.85
N VAL A 311 23.68 4.30 8.06
CA VAL A 311 23.64 4.41 6.62
C VAL A 311 22.28 4.95 6.17
N GLY A 312 22.29 5.92 5.27
CA GLY A 312 21.05 6.42 4.67
C GLY A 312 20.04 6.94 5.68
N GLU A 313 18.84 6.37 5.61
CA GLU A 313 17.71 6.76 6.46
C GLU A 313 18.03 6.62 7.94
N GLU A 314 18.96 5.71 8.28
CA GLU A 314 19.35 5.48 9.66
C GLU A 314 19.97 6.70 10.31
N ARG A 315 20.51 7.60 9.50
CA ARG A 315 21.26 8.73 10.03
C ARG A 315 20.37 9.75 10.74
N ILE A 316 19.08 9.73 10.44
CA ILE A 316 18.17 10.80 10.88
C ILE A 316 17.03 10.29 11.75
N GLY A 317 16.75 11.02 12.83
CA GLY A 317 15.62 10.71 13.69
C GLY A 317 15.63 11.65 14.89
N ASP A 318 14.91 11.29 15.95
CA ASP A 318 14.86 12.12 17.14
C ASP A 318 16.25 12.37 17.71
N VAL A 319 17.09 11.35 17.68
CA VAL A 319 18.47 11.48 18.13
C VAL A 319 19.35 10.95 17.02
N SER A 320 19.69 11.83 16.09
CA SER A 320 20.37 11.44 14.86
C SER A 320 21.78 10.92 15.08
N ASN A 321 22.34 10.24 14.08
CA ASN A 321 23.73 9.81 14.11
C ASN A 321 23.94 8.70 15.16
N VAL A 322 22.92 7.86 15.35
CA VAL A 322 22.95 6.77 16.33
C VAL A 322 22.49 5.46 15.73
N LEU A 323 23.28 4.40 15.92
CA LEU A 323 22.76 3.04 15.90
C LEU A 323 22.86 2.47 17.30
N PHE A 324 21.91 1.60 17.68
CA PHE A 324 21.92 1.01 19.01
C PHE A 324 21.32 -0.39 18.90
N SER A 325 21.92 -1.37 19.57
CA SER A 325 21.28 -2.69 19.61
C SER A 325 21.29 -3.29 21.00
N ASN A 326 20.14 -3.82 21.41
CA ASN A 326 20.10 -4.59 22.64
C ASN A 326 19.34 -5.89 22.46
N GLY A 327 19.33 -6.37 21.22
CA GLY A 327 18.64 -7.61 20.89
C GLY A 327 19.15 -8.28 19.62
N TRP A 328 19.38 -9.60 19.70
CA TRP A 328 19.61 -10.39 18.51
C TRP A 328 19.17 -11.83 18.75
N ILE A 329 18.97 -12.58 17.67
CA ILE A 329 18.55 -13.98 17.74
C ILE A 329 19.41 -14.81 16.81
N ALA A 330 19.95 -15.91 17.33
CA ALA A 330 20.70 -16.86 16.53
C ALA A 330 19.95 -18.17 16.47
N ASP A 331 19.52 -18.56 15.27
CA ASP A 331 18.84 -19.85 15.11
C ASP A 331 19.82 -21.02 15.16
N ASP A 332 19.28 -22.23 15.35
CA ASP A 332 20.10 -23.43 15.44
C ASP A 332 20.97 -23.65 14.19
N ASP A 333 20.48 -23.19 13.04
CA ASP A 333 21.20 -23.33 11.78
C ASP A 333 22.31 -22.29 11.58
N GLY A 334 22.46 -21.41 12.56
CA GLY A 334 23.53 -20.42 12.52
C GLY A 334 23.14 -19.06 11.97
N LYS A 335 21.92 -18.94 11.46
CA LYS A 335 21.45 -17.64 10.97
C LYS A 335 21.24 -16.68 12.12
N VAL A 336 21.72 -15.45 11.97
CA VAL A 336 21.64 -14.45 13.03
C VAL A 336 20.80 -13.28 12.56
N PHE A 337 19.84 -12.91 13.40
CA PHE A 337 19.01 -11.73 13.15
C PHE A 337 19.39 -10.67 14.16
N ILE A 338 19.90 -9.55 13.65
CA ILE A 338 20.37 -8.46 14.51
C ILE A 338 19.33 -7.36 14.51
N TYR A 339 18.74 -7.09 15.67
CA TYR A 339 17.75 -6.02 15.78
C TYR A 339 18.41 -4.77 16.31
N TYR A 340 18.44 -3.73 15.47
CA TYR A 340 19.12 -2.50 15.85
C TYR A 340 18.23 -1.30 15.58
N ALA A 341 18.25 -0.35 16.51
CA ALA A 341 17.52 0.90 16.31
C ALA A 341 18.37 1.90 15.54
N SER A 342 17.72 2.79 14.79
CA SER A 342 18.42 3.93 14.25
C SER A 342 17.84 5.20 14.83
N SER A 343 18.74 6.07 15.28
CA SER A 343 18.41 7.43 15.70
C SER A 343 17.32 7.49 16.77
N ASP A 344 17.26 6.47 17.62
CA ASP A 344 16.28 6.40 18.71
C ASP A 344 14.83 6.45 18.20
N THR A 345 14.60 6.10 16.94
CA THR A 345 13.30 6.33 16.32
C THR A 345 12.57 5.08 15.79
N ARG A 346 13.33 4.15 15.22
CA ARG A 346 12.74 3.01 14.53
C ARG A 346 13.66 1.80 14.71
N MET A 347 13.09 0.62 14.49
CA MET A 347 13.84 -0.63 14.59
C MET A 347 14.11 -1.23 13.21
N HIS A 348 15.33 -1.72 13.02
CA HIS A 348 15.74 -2.41 11.80
C HIS A 348 16.19 -3.82 12.11
N VAL A 349 16.33 -4.63 11.06
CA VAL A 349 16.97 -5.93 11.15
C VAL A 349 18.15 -6.00 10.17
N ALA A 350 19.22 -6.67 10.60
CA ALA A 350 20.28 -7.07 9.68
C ALA A 350 20.53 -8.55 9.89
N THR A 351 20.87 -9.26 8.82
CA THR A 351 21.11 -10.69 8.94
C THR A 351 22.55 -11.06 8.61
N SER A 352 23.00 -12.12 9.27
CA SER A 352 24.33 -12.66 9.04
C SER A 352 24.26 -14.11 9.46
N THR A 353 25.42 -14.73 9.64
CA THR A 353 25.48 -16.07 10.22
C THR A 353 26.57 -16.09 11.29
N ILE A 354 26.50 -17.06 12.19
CA ILE A 354 27.52 -17.19 13.23
C ILE A 354 28.91 -17.30 12.59
N GLU A 355 29.01 -18.12 11.55
CA GLU A 355 30.29 -18.29 10.87
C GLU A 355 30.82 -16.99 10.28
N ARG A 356 29.95 -16.18 9.68
CA ARG A 356 30.42 -14.91 9.11
C ARG A 356 30.83 -13.92 10.20
N LEU A 357 30.06 -13.83 11.28
CA LEU A 357 30.39 -12.89 12.35
C LEU A 357 31.69 -13.27 13.06
N VAL A 358 31.90 -14.56 13.28
CA VAL A 358 33.15 -15.05 13.84
C VAL A 358 34.32 -14.75 12.90
N ASP A 359 34.12 -15.00 11.60
CA ASP A 359 35.12 -14.71 10.57
C ASP A 359 35.46 -13.21 10.63
N TYR A 360 34.43 -12.38 10.68
CA TYR A 360 34.62 -10.93 10.77
C TYR A 360 35.45 -10.55 12.01
N CYS A 361 35.12 -11.13 13.17
CA CYS A 361 35.82 -10.78 14.39
C CYS A 361 37.28 -11.25 14.38
N LEU A 362 37.51 -12.43 13.83
CA LEU A 362 38.83 -13.04 13.86
C LEU A 362 39.79 -12.45 12.83
N HIS A 363 39.25 -11.99 11.69
CA HIS A 363 40.13 -11.64 10.56
C HIS A 363 40.09 -10.19 10.10
N THR A 364 39.24 -9.39 10.73
CA THR A 364 39.36 -7.96 10.57
C THR A 364 40.52 -7.55 11.45
N PRO A 365 41.57 -6.95 10.87
CA PRO A 365 42.75 -6.67 11.68
C PRO A 365 42.46 -5.83 12.91
N GLN A 366 43.19 -6.07 14.00
CA GLN A 366 43.04 -5.27 15.20
C GLN A 366 43.52 -3.85 14.96
N ASP A 367 42.94 -2.92 15.70
CA ASP A 367 43.34 -1.51 15.61
C ASP A 367 44.72 -1.32 16.22
N GLY A 368 45.68 -0.83 15.43
CA GLY A 368 46.99 -0.47 15.93
C GLY A 368 47.06 0.93 16.53
N PHE A 369 45.93 1.62 16.51
CA PHE A 369 45.69 2.90 17.20
C PHE A 369 46.32 4.17 16.62
N SER A 370 46.77 4.13 15.37
CA SER A 370 47.34 5.34 14.76
C SER A 370 47.18 5.32 13.26
N SER A 371 47.24 6.51 12.65
CA SER A 371 47.16 6.61 11.21
C SER A 371 48.24 5.78 10.52
N SER A 372 49.47 5.88 11.01
CA SER A 372 50.55 5.09 10.45
C SER A 372 50.28 3.59 10.47
N ALA A 373 49.73 3.09 11.58
CA ALA A 373 49.42 1.68 11.73
C ALA A 373 48.31 1.27 10.78
N SER A 374 47.28 2.11 10.67
CA SER A 374 46.19 1.83 9.74
C SER A 374 46.71 1.73 8.31
N VAL A 375 47.59 2.66 7.93
CA VAL A 375 48.17 2.67 6.58
C VAL A 375 49.00 1.41 6.32
N GLU A 376 49.76 0.96 7.30
CA GLU A 376 50.56 -0.24 7.12
C GLU A 376 49.70 -1.50 6.92
N ILE A 377 48.64 -1.62 7.70
CA ILE A 377 47.67 -2.72 7.54
C ILE A 377 47.04 -2.69 6.15
N LEU A 378 46.64 -1.51 5.71
CA LEU A 378 46.03 -1.34 4.42
C LEU A 378 47.00 -1.65 3.27
N LYS A 379 48.23 -1.12 3.35
CA LYS A 379 49.23 -1.38 2.32
C LYS A 379 49.52 -2.87 2.20
N ASN A 380 49.48 -3.59 3.32
CA ASN A 380 49.73 -5.02 3.29
C ASN A 380 48.65 -5.75 2.51
N LEU A 381 47.40 -5.35 2.73
CA LEU A 381 46.29 -5.97 2.01
C LEU A 381 46.35 -5.62 0.52
N ILE A 382 46.60 -4.36 0.21
CA ILE A 382 46.70 -3.93 -1.18
C ILE A 382 47.77 -4.75 -1.91
N GLU A 383 48.93 -4.91 -1.27
CA GLU A 383 50.03 -5.66 -1.88
C GLU A 383 49.63 -7.11 -2.20
N ARG A 384 48.94 -7.76 -1.26
CA ARG A 384 48.44 -9.12 -1.50
C ARG A 384 47.47 -9.14 -2.69
N ASN A 385 46.53 -8.19 -2.70
CA ASN A 385 45.52 -8.16 -3.76
C ASN A 385 46.08 -7.88 -5.14
N LEU A 386 47.05 -6.97 -5.21
CA LEU A 386 47.64 -6.62 -6.50
C LEU A 386 48.42 -7.79 -7.10
N ARG A 387 49.09 -8.55 -6.23
CA ARG A 387 49.82 -9.76 -6.66
C ARG A 387 48.85 -10.76 -7.23
N LEU A 388 47.70 -10.88 -6.57
CA LEU A 388 46.67 -11.84 -6.95
C LEU A 388 46.00 -11.42 -8.27
N MET A 389 45.73 -10.12 -8.40
CA MET A 389 45.01 -9.59 -9.56
C MET A 389 45.84 -9.52 -10.83
N LYS A 390 47.16 -9.60 -10.69
CA LYS A 390 48.05 -9.50 -11.83
C LYS A 390 48.06 -10.80 -12.62
N SER B 2 0.16 -20.79 10.13
CA SER B 2 0.73 -21.54 9.02
C SER B 2 1.09 -20.60 7.87
N LEU B 3 2.02 -21.04 7.02
CA LEU B 3 2.45 -20.24 5.89
C LEU B 3 1.29 -20.00 4.92
N PHE B 4 0.46 -21.02 4.72
CA PHE B 4 -0.66 -20.91 3.79
C PHE B 4 -1.65 -19.85 4.29
N ASN B 5 -2.03 -19.94 5.57
CA ASN B 5 -2.99 -19.00 6.12
C ASN B 5 -2.46 -17.57 6.11
N ASP B 6 -1.17 -17.42 6.37
CA ASP B 6 -0.55 -16.10 6.30
C ASP B 6 -0.62 -15.57 4.87
N LYS B 7 -0.40 -16.44 3.89
CA LYS B 7 -0.47 -16.04 2.50
C LYS B 7 -1.87 -15.58 2.11
N VAL B 8 -2.89 -16.30 2.56
CA VAL B 8 -4.27 -15.91 2.31
C VAL B 8 -4.57 -14.57 2.98
N ALA B 9 -4.13 -14.42 4.23
CA ALA B 9 -4.36 -13.16 4.95
C ALA B 9 -3.72 -11.98 4.23
N LYS B 10 -2.54 -12.20 3.64
CA LYS B 10 -1.87 -11.14 2.88
C LYS B 10 -2.57 -10.80 1.57
N LEU B 11 -3.09 -11.81 0.88
CA LEU B 11 -3.88 -11.58 -0.32
C LEU B 11 -5.08 -10.70 0.00
N LEU B 12 -5.79 -11.04 1.07
CA LEU B 12 -6.96 -10.29 1.45
C LEU B 12 -6.59 -8.86 1.88
N ALA B 13 -5.52 -8.73 2.66
CA ALA B 13 -5.08 -7.43 3.16
C ALA B 13 -4.64 -6.50 2.03
N GLY B 14 -3.87 -7.03 1.09
CA GLY B 14 -3.45 -6.24 -0.05
C GLY B 14 -4.63 -5.81 -0.90
N HIS B 15 -5.62 -6.69 -1.01
CA HIS B 15 -6.79 -6.38 -1.80
C HIS B 15 -7.60 -5.27 -1.16
N GLU B 16 -7.78 -5.33 0.16
CA GLU B 16 -8.51 -4.29 0.86
C GLU B 16 -7.80 -2.93 0.71
N ALA B 17 -6.47 -2.94 0.79
CA ALA B 17 -5.71 -1.69 0.66
C ALA B 17 -5.90 -1.10 -0.73
N LEU B 18 -5.90 -1.95 -1.75
CA LEU B 18 -6.17 -1.49 -3.11
C LEU B 18 -7.58 -0.91 -3.21
N LEU B 19 -8.56 -1.63 -2.69
CA LEU B 19 -9.95 -1.20 -2.83
C LEU B 19 -10.23 0.12 -2.12
N MET B 20 -9.51 0.38 -1.04
CA MET B 20 -9.84 1.52 -0.20
C MET B 20 -9.04 2.77 -0.53
N ARG B 21 -8.13 2.64 -1.49
CA ARG B 21 -7.24 3.75 -1.84
C ARG B 21 -8.01 4.98 -2.29
N LYS B 22 -7.69 6.12 -1.68
CA LYS B 22 -8.37 7.37 -2.00
C LYS B 22 -7.91 7.89 -3.35
N ASN B 23 -8.86 8.22 -4.21
CA ASN B 23 -8.50 8.81 -5.49
C ASN B 23 -8.19 10.29 -5.30
N GLU B 24 -7.40 10.84 -6.21
CA GLU B 24 -7.10 12.26 -6.18
C GLU B 24 -7.27 12.84 -7.57
N PRO B 25 -7.84 14.04 -7.65
CA PRO B 25 -8.00 14.67 -8.96
C PRO B 25 -6.67 15.05 -9.56
N VAL B 26 -6.61 15.04 -10.88
CA VAL B 26 -5.43 15.54 -11.59
C VAL B 26 -5.58 17.05 -11.74
N GLU B 27 -4.57 17.78 -11.29
CA GLU B 27 -4.62 19.24 -11.29
C GLU B 27 -4.68 19.81 -12.68
N GLU B 28 -3.81 19.33 -13.54
CA GLU B 28 -3.77 19.80 -14.91
C GLU B 28 -5.02 19.32 -15.64
N GLY B 29 -5.80 20.25 -16.15
CA GLY B 29 -6.99 19.90 -16.88
C GLY B 29 -7.38 21.00 -17.84
N ASN B 30 -8.50 20.82 -18.53
CA ASN B 30 -8.91 21.79 -19.52
C ASN B 30 -10.10 22.64 -19.08
N GLY B 31 -10.53 22.48 -17.83
CA GLY B 31 -11.65 23.25 -17.32
C GLY B 31 -13.01 22.66 -17.62
N VAL B 32 -13.04 21.59 -18.42
CA VAL B 32 -14.30 20.94 -18.78
C VAL B 32 -14.47 19.71 -17.90
N ILE B 33 -13.48 18.82 -17.96
CA ILE B 33 -13.48 17.61 -17.13
C ILE B 33 -12.26 17.54 -16.25
N THR B 34 -12.41 16.86 -15.11
CA THR B 34 -11.31 16.60 -14.21
C THR B 34 -11.04 15.10 -14.23
N ARG B 35 -9.83 14.72 -14.62
CA ARG B 35 -9.39 13.33 -14.54
C ARG B 35 -8.92 13.03 -13.13
N TYR B 36 -8.73 11.73 -12.84
CA TYR B 36 -8.27 11.28 -11.53
C TYR B 36 -7.02 10.42 -11.65
N ARG B 37 -6.21 10.40 -10.60
CA ARG B 37 -4.90 9.75 -10.63
C ARG B 37 -5.00 8.23 -10.88
N TYR B 38 -6.00 7.60 -10.29
CA TYR B 38 -6.12 6.15 -10.36
C TYR B 38 -7.39 5.71 -11.07
N PRO B 39 -7.34 4.55 -11.75
CA PRO B 39 -8.56 3.95 -12.28
C PRO B 39 -9.52 3.65 -11.14
N VAL B 40 -10.82 3.65 -11.43
CA VAL B 40 -11.81 3.22 -10.45
C VAL B 40 -11.89 1.69 -10.37
N LEU B 41 -11.61 1.00 -11.47
CA LEU B 41 -11.52 -0.46 -11.47
C LEU B 41 -10.50 -0.99 -12.45
N THR B 42 -9.82 -2.06 -12.04
CA THR B 42 -8.91 -2.82 -12.89
C THR B 42 -9.21 -4.29 -12.61
N ALA B 43 -8.60 -5.18 -13.37
CA ALA B 43 -8.79 -6.60 -13.13
C ALA B 43 -8.38 -6.99 -11.70
N ALA B 44 -7.40 -6.28 -11.14
CA ALA B 44 -6.92 -6.54 -9.78
C ALA B 44 -7.97 -6.21 -8.73
N HIS B 45 -8.97 -5.40 -9.09
CA HIS B 45 -10.05 -5.08 -8.17
C HIS B 45 -11.08 -6.20 -7.99
N THR B 46 -11.08 -7.18 -8.90
CA THR B 46 -12.05 -8.26 -8.73
C THR B 46 -11.74 -8.97 -7.40
N PRO B 47 -12.77 -9.53 -6.76
CA PRO B 47 -12.53 -10.13 -5.45
C PRO B 47 -11.48 -11.26 -5.47
N VAL B 48 -10.74 -11.38 -4.37
CA VAL B 48 -9.77 -12.45 -4.25
C VAL B 48 -10.48 -13.80 -4.38
N PHE B 49 -11.70 -13.87 -3.86
CA PHE B 49 -12.45 -15.13 -3.86
C PHE B 49 -13.13 -15.45 -5.20
N TRP B 50 -12.96 -14.58 -6.18
CA TRP B 50 -13.34 -14.90 -7.56
C TRP B 50 -12.23 -15.64 -8.28
N ARG B 51 -10.99 -15.36 -7.87
CA ARG B 51 -9.81 -15.78 -8.63
C ARG B 51 -9.10 -16.99 -8.01
N TYR B 52 -8.96 -16.96 -6.68
CA TYR B 52 -8.31 -18.02 -5.93
C TYR B 52 -9.32 -18.97 -5.28
N ASP B 53 -9.00 -20.26 -5.33
CA ASP B 53 -9.61 -21.22 -4.42
C ASP B 53 -8.85 -21.08 -3.10
N LEU B 54 -9.57 -20.70 -2.05
CA LEU B 54 -8.91 -20.38 -0.77
C LEU B 54 -8.75 -21.59 0.15
N ASN B 55 -9.16 -22.76 -0.34
CA ASN B 55 -9.05 -23.99 0.44
C ASN B 55 -7.71 -24.69 0.21
N GLU B 56 -6.92 -24.82 1.27
CA GLU B 56 -5.60 -25.45 1.17
C GLU B 56 -5.64 -26.89 0.68
N GLU B 57 -6.72 -27.61 0.99
CA GLU B 57 -6.88 -28.99 0.55
C GLU B 57 -6.94 -29.14 -0.96
N THR B 58 -7.64 -28.21 -1.61
CA THR B 58 -7.83 -28.27 -3.06
C THR B 58 -6.95 -27.29 -3.85
N ASN B 59 -6.26 -26.40 -3.15
CA ASN B 59 -5.37 -25.45 -3.81
C ASN B 59 -4.13 -25.21 -2.94
N PRO B 60 -3.33 -26.26 -2.70
CA PRO B 60 -2.23 -26.12 -1.73
C PRO B 60 -1.15 -25.11 -2.12
N PHE B 61 -0.97 -24.87 -3.42
CA PHE B 61 -0.01 -23.87 -3.89
C PHE B 61 -0.57 -22.44 -3.83
N LEU B 62 -1.87 -22.33 -3.52
CA LEU B 62 -2.58 -21.06 -3.55
C LEU B 62 -2.34 -20.29 -4.86
N MET B 63 -2.78 -20.89 -5.96
CA MET B 63 -2.69 -20.21 -7.25
C MET B 63 -4.08 -19.82 -7.71
N GLU B 64 -4.15 -18.86 -8.62
CA GLU B 64 -5.43 -18.48 -9.20
C GLU B 64 -6.00 -19.60 -10.04
N ARG B 65 -7.28 -19.89 -9.83
CA ARG B 65 -8.00 -20.91 -10.60
C ARG B 65 -8.76 -20.28 -11.77
N ILE B 66 -9.17 -19.02 -11.63
CA ILE B 66 -9.91 -18.34 -12.69
C ILE B 66 -9.33 -16.95 -12.87
N GLY B 67 -8.55 -16.77 -13.93
CA GLY B 67 -7.92 -15.49 -14.18
C GLY B 67 -8.90 -14.42 -14.64
N MET B 68 -8.68 -13.20 -14.15
CA MET B 68 -9.47 -12.05 -14.59
C MET B 68 -8.57 -11.13 -15.43
N ASN B 69 -9.03 -10.77 -16.62
CA ASN B 69 -8.19 -10.01 -17.56
C ASN B 69 -8.44 -8.49 -17.62
N ALA B 70 -9.69 -8.07 -17.55
CA ALA B 70 -10.01 -6.66 -17.77
C ALA B 70 -11.35 -6.32 -17.16
N THR B 71 -11.48 -5.06 -16.75
CA THR B 71 -12.73 -4.49 -16.28
C THR B 71 -12.97 -3.24 -17.11
N LEU B 72 -14.00 -3.28 -17.95
CA LEU B 72 -14.12 -2.25 -18.98
C LEU B 72 -15.57 -1.88 -19.27
N ASN B 73 -15.75 -1.02 -20.26
CA ASN B 73 -17.04 -0.58 -20.80
C ASN B 73 -18.24 -0.78 -19.90
N ALA B 74 -18.29 0.02 -18.84
CA ALA B 74 -19.27 -0.20 -17.76
C ALA B 74 -20.46 0.72 -17.90
N GLY B 75 -21.66 0.17 -17.67
CA GLY B 75 -22.82 1.00 -17.50
C GLY B 75 -22.77 1.64 -16.12
N ALA B 76 -23.72 2.52 -15.81
CA ALA B 76 -23.70 3.19 -14.52
C ALA B 76 -25.08 3.65 -14.10
N ILE B 77 -25.33 3.61 -12.81
CA ILE B 77 -26.61 4.08 -12.29
C ILE B 77 -26.45 4.51 -10.85
N LYS B 78 -27.18 5.56 -10.47
CA LYS B 78 -27.25 5.94 -9.08
C LYS B 78 -28.35 5.07 -8.49
N TRP B 79 -28.00 4.34 -7.43
CA TRP B 79 -28.86 3.31 -6.93
C TRP B 79 -28.89 3.28 -5.41
N ASP B 80 -30.06 3.56 -4.85
CA ASP B 80 -30.26 3.53 -3.40
C ASP B 80 -29.16 4.29 -2.66
N GLY B 81 -28.85 5.49 -3.14
CA GLY B 81 -27.86 6.35 -2.51
C GLY B 81 -26.41 6.05 -2.87
N LYS B 82 -26.18 5.04 -3.71
CA LYS B 82 -24.81 4.65 -4.03
C LYS B 82 -24.51 4.83 -5.52
N TYR B 83 -23.23 4.86 -5.84
CA TYR B 83 -22.78 4.98 -7.23
C TYR B 83 -22.42 3.60 -7.75
N LEU B 84 -23.17 3.15 -8.75
CA LEU B 84 -22.99 1.78 -9.26
C LEU B 84 -22.47 1.75 -10.68
N MET B 85 -21.49 0.89 -10.92
CA MET B 85 -21.14 0.51 -12.28
C MET B 85 -21.66 -0.88 -12.59
N LEU B 86 -22.09 -1.06 -13.83
CA LEU B 86 -22.42 -2.35 -14.37
C LEU B 86 -21.25 -2.74 -15.25
N VAL B 87 -20.28 -3.41 -14.64
CA VAL B 87 -18.99 -3.64 -15.25
C VAL B 87 -19.03 -4.77 -16.26
N ARG B 88 -18.36 -4.56 -17.40
CA ARG B 88 -17.99 -5.66 -18.28
C ARG B 88 -16.66 -6.24 -17.77
N VAL B 89 -16.71 -7.46 -17.27
CA VAL B 89 -15.52 -8.11 -16.74
C VAL B 89 -15.12 -9.19 -17.72
N GLU B 90 -13.89 -9.12 -18.22
CA GLU B 90 -13.45 -10.14 -19.17
C GLU B 90 -12.50 -11.08 -18.46
N GLY B 91 -12.82 -12.37 -18.50
CA GLY B 91 -11.93 -13.37 -17.91
C GLY B 91 -10.71 -13.64 -18.77
N ALA B 92 -9.72 -14.32 -18.21
CA ALA B 92 -8.63 -14.83 -19.00
C ALA B 92 -9.11 -15.75 -20.12
N ASP B 93 -10.31 -16.30 -19.99
CA ASP B 93 -10.87 -17.16 -21.03
C ASP B 93 -11.43 -16.41 -22.24
N ARG B 94 -11.37 -15.08 -22.16
CA ARG B 94 -11.80 -14.17 -23.24
C ARG B 94 -13.30 -13.98 -23.34
N LYS B 95 -14.05 -14.61 -22.45
CA LYS B 95 -15.47 -14.32 -22.33
C LYS B 95 -15.70 -13.18 -21.35
N SER B 96 -16.69 -12.37 -21.64
CA SER B 96 -17.09 -11.31 -20.71
C SER B 96 -18.37 -11.67 -19.99
N PHE B 97 -18.55 -11.09 -18.81
CA PHE B 97 -19.79 -11.23 -18.07
C PHE B 97 -20.02 -9.92 -17.35
N PHE B 98 -21.23 -9.72 -16.84
CA PHE B 98 -21.56 -8.46 -16.20
C PHE B 98 -21.43 -8.61 -14.69
N ALA B 99 -21.07 -7.52 -14.02
CA ALA B 99 -20.97 -7.56 -12.57
C ALA B 99 -21.16 -6.16 -12.00
N VAL B 100 -21.95 -6.09 -10.93
CA VAL B 100 -22.18 -4.81 -10.29
C VAL B 100 -21.02 -4.47 -9.37
N ALA B 101 -20.58 -3.22 -9.43
CA ALA B 101 -19.64 -2.69 -8.45
C ALA B 101 -20.21 -1.39 -7.88
N GLU B 102 -20.03 -1.17 -6.57
CA GLU B 102 -20.62 -0.01 -5.93
C GLU B 102 -19.63 0.81 -5.10
N SER B 103 -19.87 2.12 -5.07
CA SER B 103 -19.02 3.08 -4.36
C SER B 103 -19.91 4.03 -3.57
N PRO B 104 -19.45 4.48 -2.39
CA PRO B 104 -20.21 5.47 -1.62
C PRO B 104 -20.07 6.89 -2.17
N ASN B 105 -19.07 7.16 -2.99
CA ASN B 105 -18.76 8.54 -3.36
C ASN B 105 -18.58 8.81 -4.86
N GLY B 106 -18.46 7.74 -5.65
CA GLY B 106 -18.43 7.89 -7.10
C GLY B 106 -17.04 7.95 -7.72
N ILE B 107 -16.01 8.14 -6.91
CA ILE B 107 -14.67 8.27 -7.47
C ILE B 107 -13.67 7.24 -6.92
N ASP B 108 -14.00 6.58 -5.82
CA ASP B 108 -13.13 5.50 -5.34
C ASP B 108 -13.90 4.53 -4.45
N ASN B 109 -13.19 3.54 -3.91
CA ASN B 109 -13.81 2.54 -3.06
C ASN B 109 -14.94 1.78 -3.73
N PHE B 110 -14.80 1.60 -5.05
CA PHE B 110 -15.70 0.70 -5.76
C PHE B 110 -15.37 -0.73 -5.34
N ARG B 111 -16.41 -1.50 -5.05
CA ARG B 111 -16.23 -2.89 -4.67
C ARG B 111 -17.26 -3.72 -5.41
N PHE B 112 -16.84 -4.82 -6.00
CA PHE B 112 -17.80 -5.72 -6.63
C PHE B 112 -18.73 -6.37 -5.63
N TRP B 113 -20.00 -6.45 -5.98
CA TRP B 113 -20.92 -7.34 -5.29
C TRP B 113 -20.33 -8.75 -5.34
N GLU B 114 -20.56 -9.53 -4.29
CA GLU B 114 -19.88 -10.82 -4.16
C GLU B 114 -20.15 -11.80 -5.31
N TYR B 115 -21.35 -11.74 -5.88
CA TYR B 115 -21.66 -12.50 -7.07
C TYR B 115 -21.84 -11.58 -8.26
N PRO B 116 -21.39 -12.02 -9.44
CA PRO B 116 -21.61 -11.24 -10.65
C PRO B 116 -23.05 -11.40 -11.13
N VAL B 117 -23.36 -10.84 -12.29
CA VAL B 117 -24.72 -10.90 -12.81
C VAL B 117 -25.03 -12.24 -13.46
N THR B 118 -26.16 -12.83 -13.07
CA THR B 118 -26.67 -13.99 -13.76
C THR B 118 -27.70 -13.52 -14.77
N LEU B 119 -27.36 -13.67 -16.05
CA LEU B 119 -28.18 -13.19 -17.14
C LEU B 119 -28.72 -14.37 -17.95
N PRO B 120 -30.03 -14.60 -17.89
CA PRO B 120 -30.58 -15.71 -18.66
C PRO B 120 -30.40 -15.50 -20.16
N GLU B 121 -30.25 -16.60 -20.89
CA GLU B 121 -30.13 -16.51 -22.34
C GLU B 121 -31.48 -16.18 -22.95
N ASP B 122 -31.45 -15.57 -24.13
CA ASP B 122 -32.65 -15.46 -24.96
C ASP B 122 -32.81 -16.82 -25.68
N VAL B 123 -33.82 -16.93 -26.53
CA VAL B 123 -34.12 -18.19 -27.23
C VAL B 123 -32.88 -18.77 -27.92
N VAL B 124 -32.10 -17.91 -28.57
CA VAL B 124 -30.85 -18.33 -29.18
C VAL B 124 -29.72 -17.96 -28.24
N PRO B 125 -28.96 -18.95 -27.77
CA PRO B 125 -27.85 -18.67 -26.86
C PRO B 125 -26.81 -17.74 -27.48
N ALA B 126 -26.17 -16.96 -26.62
CA ALA B 126 -25.12 -16.06 -27.07
C ALA B 126 -23.77 -16.55 -26.56
N THR B 127 -22.73 -16.34 -27.35
CA THR B 127 -21.38 -16.67 -26.92
C THR B 127 -20.80 -15.62 -25.99
N ASN B 128 -20.94 -14.35 -26.36
CA ASN B 128 -20.44 -13.29 -25.50
C ASN B 128 -21.51 -12.24 -25.32
N VAL B 129 -21.52 -11.61 -24.14
CA VAL B 129 -22.38 -10.45 -23.91
C VAL B 129 -21.51 -9.32 -23.40
N TYR B 130 -21.82 -8.09 -23.81
CA TYR B 130 -20.97 -6.96 -23.41
C TYR B 130 -21.61 -5.58 -23.49
N ASP B 131 -21.00 -4.63 -22.79
CA ASP B 131 -21.28 -3.20 -22.96
C ASP B 131 -22.72 -2.81 -22.64
N MET B 132 -23.13 -3.08 -21.41
CA MET B 132 -24.53 -2.85 -21.06
C MET B 132 -24.75 -1.40 -20.69
N ARG B 133 -25.78 -0.79 -21.27
CA ARG B 133 -26.26 0.52 -20.82
C ARG B 133 -27.46 0.33 -19.94
N LEU B 134 -27.42 0.89 -18.74
CA LEU B 134 -28.55 0.86 -17.82
C LEU B 134 -29.46 2.07 -18.02
N THR B 135 -30.76 1.83 -18.08
CA THR B 135 -31.73 2.91 -18.09
C THR B 135 -32.81 2.67 -17.06
N ALA B 136 -32.90 3.56 -16.08
CA ALA B 136 -34.06 3.59 -15.18
C ALA B 136 -35.20 4.22 -15.96
N HIS B 137 -36.06 3.39 -16.54
CA HIS B 137 -37.15 3.88 -17.36
C HIS B 137 -38.33 4.34 -16.51
N GLU B 138 -39.12 5.26 -17.05
CA GLU B 138 -40.29 5.76 -16.33
C GLU B 138 -41.32 4.67 -16.08
N ASP B 139 -41.21 3.56 -16.81
CA ASP B 139 -42.12 2.43 -16.63
C ASP B 139 -41.82 1.62 -15.37
N GLY B 140 -40.80 2.03 -14.63
CA GLY B 140 -40.50 1.42 -13.36
C GLY B 140 -39.44 0.34 -13.37
N TRP B 141 -38.96 -0.03 -14.56
CA TRP B 141 -37.94 -1.07 -14.67
C TRP B 141 -36.56 -0.45 -14.91
N ILE B 142 -35.51 -1.13 -14.45
CA ILE B 142 -34.16 -0.86 -14.92
C ILE B 142 -33.90 -1.78 -16.11
N TYR B 143 -33.67 -1.19 -17.28
CA TYR B 143 -33.29 -1.95 -18.47
C TYR B 143 -31.79 -1.94 -18.66
N GLY B 144 -31.27 -3.08 -19.08
CA GLY B 144 -29.91 -3.18 -19.57
C GLY B 144 -29.97 -3.58 -21.03
N ILE B 145 -29.47 -2.71 -21.88
CA ILE B 145 -29.38 -3.00 -23.30
C ILE B 145 -27.91 -3.24 -23.61
N PHE B 146 -27.64 -4.39 -24.21
CA PHE B 146 -26.26 -4.84 -24.37
C PHE B 146 -26.03 -5.48 -25.74
N CYS B 147 -24.79 -5.86 -26.02
CA CYS B 147 -24.50 -6.58 -27.24
C CYS B 147 -24.47 -8.08 -26.94
N ALA B 148 -25.23 -8.85 -27.72
CA ALA B 148 -25.17 -10.31 -27.66
C ALA B 148 -24.53 -10.80 -28.94
N GLU B 149 -23.39 -11.47 -28.80
CA GLU B 149 -22.60 -11.85 -29.96
C GLU B 149 -22.59 -13.37 -30.14
N ARG B 150 -22.70 -13.79 -31.41
CA ARG B 150 -22.67 -15.20 -31.81
C ARG B 150 -21.77 -15.40 -33.03
N HIS B 151 -21.24 -16.60 -33.21
CA HIS B 151 -20.45 -16.91 -34.41
C HIS B 151 -21.37 -16.88 -35.61
N ASP B 152 -20.90 -16.32 -36.72
CA ASP B 152 -21.67 -16.24 -37.95
C ASP B 152 -21.69 -17.60 -38.64
N ASP B 153 -22.86 -18.21 -38.73
CA ASP B 153 -23.00 -19.52 -39.35
C ASP B 153 -22.69 -19.51 -40.85
N ASN B 154 -22.78 -18.33 -41.47
CA ASN B 154 -22.47 -18.19 -42.90
C ASN B 154 -20.98 -18.34 -43.20
N ALA B 155 -20.17 -18.36 -42.15
CA ALA B 155 -18.73 -18.41 -42.30
C ALA B 155 -18.22 -19.72 -42.92
N PRO B 156 -17.21 -19.60 -43.79
CA PRO B 156 -16.60 -20.78 -44.42
C PRO B 156 -15.68 -21.56 -43.47
N ILE B 157 -15.26 -22.75 -43.91
CA ILE B 157 -14.30 -23.56 -43.17
C ILE B 157 -13.06 -22.76 -42.75
N GLY B 158 -12.73 -22.82 -41.46
CA GLY B 158 -11.55 -22.16 -40.96
C GLY B 158 -11.81 -20.76 -40.42
N ASP B 159 -12.95 -20.19 -40.79
CA ASP B 159 -13.32 -18.85 -40.30
C ASP B 159 -13.99 -18.95 -38.93
N LEU B 160 -13.22 -18.70 -37.88
CA LEU B 160 -13.72 -18.78 -36.52
C LEU B 160 -13.83 -17.37 -35.93
N SER B 161 -13.83 -16.38 -36.80
CA SER B 161 -13.88 -14.98 -36.37
C SER B 161 -15.14 -14.25 -36.80
N SER B 162 -15.73 -14.66 -37.92
CA SER B 162 -16.94 -14.00 -38.39
C SER B 162 -18.04 -14.15 -37.34
N ALA B 163 -18.63 -13.01 -36.98
CA ALA B 163 -19.58 -12.97 -35.87
C ALA B 163 -20.77 -12.09 -36.22
N THR B 164 -21.83 -12.23 -35.42
CA THR B 164 -23.01 -11.38 -35.57
C THR B 164 -23.30 -10.72 -34.23
N ALA B 165 -23.74 -9.46 -34.28
CA ALA B 165 -24.09 -8.72 -33.07
C ALA B 165 -25.58 -8.41 -33.08
N THR B 166 -26.27 -8.79 -32.01
CA THR B 166 -27.64 -8.35 -31.80
C THR B 166 -27.72 -7.51 -30.54
N ALA B 167 -28.77 -6.69 -30.43
CA ALA B 167 -29.04 -5.97 -29.19
C ALA B 167 -29.84 -6.82 -28.21
N GLY B 168 -29.17 -7.21 -27.13
CA GLY B 168 -29.85 -7.90 -26.04
C GLY B 168 -30.58 -6.95 -25.13
N ILE B 169 -31.72 -7.39 -24.61
CA ILE B 169 -32.55 -6.58 -23.74
C ILE B 169 -32.91 -7.38 -22.51
N ALA B 170 -32.58 -6.82 -21.35
CA ALA B 170 -32.97 -7.42 -20.09
C ALA B 170 -33.47 -6.35 -19.14
N ARG B 171 -34.26 -6.75 -18.15
CA ARG B 171 -34.72 -5.78 -17.17
C ARG B 171 -34.73 -6.37 -15.77
N THR B 172 -34.73 -5.48 -14.79
CA THR B 172 -34.62 -5.87 -13.42
C THR B 172 -35.12 -4.77 -12.51
N LYS B 173 -35.50 -5.15 -11.29
CA LYS B 173 -35.84 -4.15 -10.29
C LYS B 173 -34.86 -4.14 -9.12
N ASP B 174 -33.88 -5.04 -9.16
CA ASP B 174 -32.89 -5.08 -8.06
C ASP B 174 -31.43 -5.31 -8.47
N LEU B 175 -31.20 -5.42 -9.77
CA LEU B 175 -29.87 -5.70 -10.34
C LEU B 175 -29.33 -7.09 -9.95
N LYS B 176 -30.20 -7.92 -9.42
CA LYS B 176 -29.80 -9.30 -9.07
C LYS B 176 -30.62 -10.32 -9.86
N ASN B 177 -31.92 -10.10 -9.91
CA ASN B 177 -32.80 -10.96 -10.69
C ASN B 177 -33.14 -10.28 -12.01
N TRP B 178 -32.64 -10.85 -13.11
CA TRP B 178 -32.79 -10.27 -14.43
C TRP B 178 -33.70 -11.08 -15.31
N GLU B 179 -34.64 -10.38 -15.93
CA GLU B 179 -35.53 -10.98 -16.93
C GLU B 179 -34.97 -10.71 -18.31
N ARG B 180 -34.73 -11.77 -19.06
CA ARG B 180 -34.25 -11.60 -20.43
C ARG B 180 -35.43 -11.50 -21.38
N LEU B 181 -35.54 -10.37 -22.06
CA LEU B 181 -36.57 -10.19 -23.06
C LEU B 181 -36.04 -10.62 -24.43
N PRO B 182 -36.92 -10.69 -25.45
CA PRO B 182 -36.39 -11.09 -26.77
C PRO B 182 -35.36 -10.10 -27.33
N ASP B 183 -34.32 -10.61 -27.98
CA ASP B 183 -33.34 -9.74 -28.63
C ASP B 183 -34.07 -8.80 -29.58
N LEU B 184 -33.56 -7.59 -29.73
CA LEU B 184 -34.14 -6.60 -30.65
C LEU B 184 -34.17 -7.16 -32.07
N LYS B 185 -35.34 -7.09 -32.70
CA LYS B 185 -35.50 -7.46 -34.10
C LYS B 185 -35.26 -6.25 -35.00
N THR B 186 -34.41 -6.44 -35.98
CA THR B 186 -33.94 -5.34 -36.81
C THR B 186 -33.34 -5.89 -38.11
N LYS B 187 -33.29 -5.06 -39.15
CA LYS B 187 -32.84 -5.53 -40.46
C LYS B 187 -31.34 -5.51 -40.66
N SER B 188 -30.63 -4.81 -39.79
CA SER B 188 -29.17 -4.81 -39.83
C SER B 188 -28.60 -5.27 -38.50
N GLN B 189 -27.31 -5.53 -38.47
CA GLN B 189 -26.61 -5.73 -37.21
C GLN B 189 -26.71 -4.45 -36.39
N GLN B 190 -26.68 -4.59 -35.07
CA GLN B 190 -26.74 -3.46 -34.15
C GLN B 190 -25.75 -3.66 -33.02
N ARG B 191 -25.10 -2.58 -32.61
CA ARG B 191 -24.34 -2.52 -31.37
C ARG B 191 -24.52 -1.09 -30.89
N ASN B 192 -24.30 -0.84 -29.61
CA ASN B 192 -24.50 0.49 -29.02
C ASN B 192 -25.96 0.95 -28.99
N VAL B 193 -26.86 0.00 -28.86
CA VAL B 193 -28.27 0.32 -28.68
C VAL B 193 -28.48 0.73 -27.22
N VAL B 194 -29.30 1.75 -27.01
CA VAL B 194 -29.45 2.38 -25.69
C VAL B 194 -30.90 2.82 -25.51
N LEU B 195 -31.48 2.56 -24.34
CA LEU B 195 -32.86 2.97 -24.08
C LEU B 195 -32.97 4.41 -23.54
N HIS B 196 -33.73 5.24 -24.24
CA HIS B 196 -34.06 6.59 -23.78
C HIS B 196 -34.96 6.46 -22.54
N PRO B 197 -34.76 7.31 -21.52
CA PRO B 197 -35.46 7.06 -20.25
C PRO B 197 -36.94 7.44 -20.21
N GLU B 198 -37.42 8.21 -21.19
CA GLU B 198 -38.83 8.60 -21.25
C GLU B 198 -39.50 8.02 -22.47
N PHE B 199 -40.81 7.75 -22.34
CA PHE B 199 -41.64 7.47 -23.50
C PHE B 199 -41.62 8.69 -24.41
N VAL B 200 -41.68 8.45 -25.72
CA VAL B 200 -41.81 9.52 -26.70
C VAL B 200 -42.95 9.10 -27.58
N ASP B 201 -43.95 9.97 -27.72
CA ASP B 201 -45.19 9.63 -28.42
C ASP B 201 -45.78 8.34 -27.85
N GLY B 202 -45.62 8.16 -26.54
CA GLY B 202 -46.19 7.02 -25.84
C GLY B 202 -45.46 5.71 -26.11
N LYS B 203 -44.30 5.80 -26.72
CA LYS B 203 -43.55 4.60 -27.12
C LYS B 203 -42.16 4.56 -26.51
N TYR B 204 -41.59 3.38 -26.41
CA TYR B 204 -40.20 3.24 -26.02
C TYR B 204 -39.35 3.82 -27.16
N ALA B 205 -38.23 4.44 -26.81
CA ALA B 205 -37.35 5.07 -27.78
C ALA B 205 -35.95 4.51 -27.60
N LEU B 206 -35.39 3.99 -28.68
CA LEU B 206 -34.02 3.49 -28.65
C LEU B 206 -33.06 4.34 -29.49
N TYR B 207 -31.87 4.54 -28.96
CA TYR B 207 -30.73 4.97 -29.77
C TYR B 207 -30.18 3.70 -30.41
N THR B 208 -29.90 3.78 -31.69
CA THR B 208 -29.44 2.60 -32.45
C THR B 208 -28.16 2.93 -33.20
N ARG B 209 -27.57 1.93 -33.85
CA ARG B 209 -26.36 2.16 -34.64
C ARG B 209 -26.32 1.11 -35.74
N PRO B 210 -27.11 1.32 -36.79
CA PRO B 210 -27.15 0.32 -37.86
C PRO B 210 -25.76 0.11 -38.48
N GLN B 211 -25.43 -1.14 -38.78
CA GLN B 211 -24.11 -1.49 -39.32
C GLN B 211 -24.23 -2.68 -40.26
N ASP B 212 -23.52 -2.63 -41.38
CA ASP B 212 -23.62 -3.68 -42.38
C ASP B 212 -22.87 -4.93 -41.98
N GLY B 213 -21.84 -4.77 -41.16
CA GLY B 213 -21.03 -5.90 -40.74
C GLY B 213 -20.79 -5.93 -39.24
N PHE B 214 -20.03 -6.91 -38.79
CA PHE B 214 -19.78 -7.08 -37.36
C PHE B 214 -18.89 -5.99 -36.79
N ILE B 215 -17.89 -5.57 -37.57
CA ILE B 215 -16.97 -4.53 -37.14
C ILE B 215 -17.18 -3.22 -37.90
N ASP B 216 -17.41 -3.32 -39.21
CA ASP B 216 -17.54 -2.13 -40.05
C ASP B 216 -19.00 -1.75 -40.33
N THR B 217 -19.29 -0.46 -40.29
CA THR B 217 -20.66 0.02 -40.44
C THR B 217 -21.16 -0.01 -41.88
N GLY B 218 -20.24 0.13 -42.83
CA GLY B 218 -20.62 0.21 -44.23
C GLY B 218 -21.51 1.41 -44.51
N SER B 219 -22.73 1.14 -44.95
CA SER B 219 -23.69 2.21 -45.26
C SER B 219 -24.26 2.87 -44.02
N GLY B 220 -24.03 2.27 -42.84
CA GLY B 220 -24.53 2.83 -41.60
C GLY B 220 -24.10 4.27 -41.40
N GLY B 221 -25.07 5.17 -41.30
CA GLY B 221 -24.81 6.60 -41.35
C GLY B 221 -24.47 7.28 -40.03
N GLY B 222 -24.74 6.62 -38.91
CA GLY B 222 -24.45 7.21 -37.61
C GLY B 222 -25.29 6.65 -36.48
N ILE B 223 -25.58 7.50 -35.51
CA ILE B 223 -26.41 7.12 -34.37
C ILE B 223 -27.88 7.32 -34.74
N GLY B 224 -28.66 6.24 -34.63
CA GLY B 224 -30.06 6.25 -35.01
C GLY B 224 -31.05 6.38 -33.87
N TRP B 225 -32.31 6.60 -34.24
CA TRP B 225 -33.41 6.76 -33.29
C TRP B 225 -34.58 5.94 -33.78
N ALA B 226 -35.12 5.08 -32.90
CA ALA B 226 -36.21 4.20 -33.27
C ALA B 226 -37.23 4.10 -32.15
N LEU B 227 -38.49 4.36 -32.47
CA LEU B 227 -39.58 4.18 -31.52
C LEU B 227 -40.12 2.76 -31.59
N ILE B 228 -40.36 2.17 -30.42
CA ILE B 228 -40.73 0.77 -30.23
C ILE B 228 -42.00 0.72 -29.40
N ASP B 229 -43.06 0.09 -29.90
CA ASP B 229 -44.32 0.01 -29.16
C ASP B 229 -44.19 -0.83 -27.90
N ASP B 230 -43.54 -1.98 -28.06
CA ASP B 230 -43.52 -3.00 -27.04
C ASP B 230 -42.08 -3.47 -26.80
N ILE B 231 -41.51 -3.05 -25.68
CA ILE B 231 -40.13 -3.42 -25.35
C ILE B 231 -39.98 -4.94 -25.11
N THR B 232 -41.09 -5.62 -24.84
CA THR B 232 -41.04 -7.07 -24.61
C THR B 232 -41.17 -7.88 -25.90
N HIS B 233 -41.39 -7.19 -27.01
CA HIS B 233 -41.34 -7.80 -28.32
C HIS B 233 -40.76 -6.77 -29.28
N ALA B 234 -39.54 -6.34 -28.96
CA ALA B 234 -38.97 -5.15 -29.58
C ALA B 234 -38.57 -5.36 -31.02
N GLU B 235 -39.07 -4.50 -31.91
CA GLU B 235 -38.73 -4.56 -33.33
C GLU B 235 -38.66 -3.16 -33.89
N VAL B 236 -37.61 -2.89 -34.64
CA VAL B 236 -37.46 -1.57 -35.24
C VAL B 236 -38.27 -1.47 -36.52
N GLY B 237 -38.99 -0.36 -36.64
CA GLY B 237 -39.71 -0.01 -37.84
C GLY B 237 -39.04 1.20 -38.44
N GLU B 238 -39.54 2.38 -38.12
CA GLU B 238 -38.92 3.62 -38.57
C GLU B 238 -37.62 3.85 -37.80
N GLU B 239 -36.59 4.32 -38.51
CA GLU B 239 -35.29 4.56 -37.91
C GLU B 239 -34.63 5.79 -38.56
N LYS B 240 -34.29 6.77 -37.74
CA LYS B 240 -33.78 8.05 -38.23
C LYS B 240 -32.38 8.27 -37.70
N ILE B 241 -31.45 8.72 -38.54
CA ILE B 241 -30.11 9.05 -38.05
C ILE B 241 -30.13 10.45 -37.41
N ILE B 242 -29.70 10.52 -36.16
CA ILE B 242 -29.70 11.76 -35.37
C ILE B 242 -28.33 12.42 -35.37
N ASP B 243 -27.28 11.62 -35.28
CA ASP B 243 -25.94 12.18 -35.30
C ASP B 243 -25.08 11.42 -36.29
N LYS B 244 -24.57 12.14 -37.28
CA LYS B 244 -23.96 11.53 -38.46
C LYS B 244 -22.45 11.46 -38.41
N ARG B 245 -21.91 10.48 -39.14
CA ARG B 245 -20.48 10.40 -39.39
C ARG B 245 -20.10 11.50 -40.37
N TYR B 246 -18.86 11.98 -40.29
CA TYR B 246 -18.37 12.98 -41.24
C TYR B 246 -16.92 12.71 -41.58
N TYR B 247 -16.58 12.83 -42.86
CA TYR B 247 -15.18 12.78 -43.29
C TYR B 247 -14.30 13.76 -42.54
N HIS B 248 -13.16 13.23 -42.09
CA HIS B 248 -12.09 14.00 -41.44
C HIS B 248 -12.46 14.59 -40.10
N THR B 249 -13.42 13.95 -39.45
CA THR B 249 -13.72 14.22 -38.06
C THR B 249 -13.32 13.04 -37.21
N ILE B 250 -13.48 13.19 -35.91
CA ILE B 250 -13.18 12.11 -34.98
C ILE B 250 -14.21 10.97 -35.06
N LYS B 251 -15.28 11.20 -35.81
CA LYS B 251 -16.31 10.17 -35.99
C LYS B 251 -16.49 9.90 -37.49
N GLU B 252 -15.39 9.58 -38.15
CA GLU B 252 -15.41 9.33 -39.58
C GLU B 252 -15.90 7.94 -39.96
N VAL B 253 -15.34 6.92 -39.32
CA VAL B 253 -15.56 5.53 -39.73
C VAL B 253 -16.76 4.90 -39.02
N LYS B 254 -16.89 5.19 -37.73
CA LYS B 254 -17.94 4.65 -36.88
C LYS B 254 -18.28 5.67 -35.82
N ASN B 255 -19.48 5.56 -35.26
CA ASN B 255 -19.79 6.27 -34.02
C ASN B 255 -20.84 5.48 -33.28
N GLY B 256 -21.11 5.83 -32.03
CA GLY B 256 -22.16 5.14 -31.29
C GLY B 256 -22.49 5.88 -30.01
N GLU B 257 -23.76 5.83 -29.61
CA GLU B 257 -24.18 6.42 -28.36
C GLU B 257 -23.50 5.69 -27.21
N GLY B 258 -23.11 6.45 -26.18
CA GLY B 258 -22.54 5.85 -24.97
C GLY B 258 -23.62 5.47 -23.98
N PRO B 259 -23.64 6.11 -22.81
CA PRO B 259 -24.77 5.96 -21.90
C PRO B 259 -26.02 6.68 -22.42
N HIS B 260 -27.18 6.48 -21.81
CA HIS B 260 -28.33 7.28 -22.21
C HIS B 260 -28.05 8.73 -21.82
N PRO B 261 -28.57 9.68 -22.59
CA PRO B 261 -28.27 11.09 -22.33
C PRO B 261 -28.85 11.61 -21.01
N ILE B 262 -28.29 12.70 -20.53
CA ILE B 262 -28.76 13.36 -19.31
C ILE B 262 -29.71 14.47 -19.69
N LYS B 263 -30.85 14.54 -19.01
CA LYS B 263 -31.81 15.63 -19.24
C LYS B 263 -31.34 16.90 -18.55
N THR B 264 -31.27 17.99 -19.31
CA THR B 264 -30.95 19.31 -18.76
C THR B 264 -32.02 20.31 -19.20
N PRO B 265 -32.09 21.48 -18.54
CA PRO B 265 -33.06 22.47 -18.98
C PRO B 265 -32.80 22.96 -20.41
N GLN B 266 -31.57 22.76 -20.89
CA GLN B 266 -31.17 23.21 -22.22
C GLN B 266 -31.38 22.15 -23.30
N GLY B 267 -31.69 20.92 -22.88
CA GLY B 267 -31.81 19.81 -23.82
C GLY B 267 -31.20 18.51 -23.31
N TRP B 268 -31.26 17.48 -24.13
CA TRP B 268 -30.61 16.21 -23.79
C TRP B 268 -29.12 16.29 -24.07
N LEU B 269 -28.33 15.95 -23.04
CA LEU B 269 -26.88 16.00 -23.09
C LEU B 269 -26.34 14.60 -23.38
N HIS B 270 -25.68 14.44 -24.51
CA HIS B 270 -25.24 13.12 -24.97
C HIS B 270 -23.75 12.91 -24.87
N LEU B 271 -23.37 11.67 -24.58
CA LEU B 271 -21.97 11.26 -24.64
C LEU B 271 -21.89 10.04 -25.55
N ALA B 272 -20.98 10.09 -26.51
CA ALA B 272 -20.86 9.09 -27.57
C ALA B 272 -19.39 8.79 -27.85
N HIS B 273 -19.13 7.75 -28.65
CA HIS B 273 -17.77 7.51 -29.13
C HIS B 273 -17.69 7.70 -30.64
N GLY B 274 -16.50 8.09 -31.09
CA GLY B 274 -16.25 8.30 -32.50
C GLY B 274 -14.99 7.55 -32.87
N VAL B 275 -14.97 6.98 -34.07
CA VAL B 275 -13.86 6.14 -34.52
C VAL B 275 -13.31 6.64 -35.85
N ARG B 276 -11.98 6.60 -35.99
CA ARG B 276 -11.35 6.75 -37.29
C ARG B 276 -10.25 5.70 -37.43
N ASN B 277 -9.79 5.51 -38.66
CA ASN B 277 -8.68 4.60 -38.87
C ASN B 277 -7.37 5.37 -38.95
N CYS B 278 -6.29 4.72 -38.50
CA CYS B 278 -4.94 5.26 -38.66
C CYS B 278 -3.98 4.11 -38.87
N ALA B 279 -2.69 4.41 -38.99
CA ALA B 279 -1.69 3.38 -39.28
C ALA B 279 -1.61 2.30 -38.20
N ALA B 280 -2.08 2.62 -36.99
CA ALA B 280 -2.02 1.70 -35.87
C ALA B 280 -3.32 0.93 -35.63
N GLY B 281 -4.32 1.19 -36.46
CA GLY B 281 -5.61 0.53 -36.31
C GLY B 281 -6.72 1.54 -36.08
N LEU B 282 -7.74 1.12 -35.36
CA LEU B 282 -8.87 2.02 -35.08
C LEU B 282 -8.62 2.85 -33.82
N ARG B 283 -8.95 4.14 -33.91
CA ARG B 283 -8.75 5.06 -32.79
C ARG B 283 -10.11 5.56 -32.30
N TYR B 284 -10.37 5.35 -31.01
CA TYR B 284 -11.66 5.67 -30.41
C TYR B 284 -11.52 6.82 -29.43
N VAL B 285 -12.35 7.85 -29.61
CA VAL B 285 -12.41 8.95 -28.67
C VAL B 285 -13.87 9.22 -28.27
N LEU B 286 -14.05 10.03 -27.23
CA LEU B 286 -15.39 10.41 -26.81
C LEU B 286 -15.76 11.79 -27.35
N TYR B 287 -17.05 11.99 -27.61
CA TYR B 287 -17.53 13.31 -28.01
C TYR B 287 -18.93 13.54 -27.47
N MET B 288 -19.38 14.79 -27.51
CA MET B 288 -20.71 15.12 -26.99
C MET B 288 -21.58 15.82 -28.01
N TYR B 289 -22.88 15.75 -27.81
CA TYR B 289 -23.79 16.54 -28.61
C TYR B 289 -25.06 16.76 -27.81
N MET B 290 -25.89 17.70 -28.23
CA MET B 290 -27.17 17.89 -27.53
C MET B 290 -28.34 17.82 -28.49
N THR B 291 -29.49 17.37 -27.98
CA THR B 291 -30.71 17.38 -28.76
C THR B 291 -31.82 18.10 -28.00
N SER B 292 -32.88 18.48 -28.71
CA SER B 292 -33.96 19.27 -28.15
C SER B 292 -34.86 18.50 -27.18
N LEU B 293 -35.31 19.17 -26.12
CA LEU B 293 -36.33 18.55 -25.24
C LEU B 293 -37.63 18.37 -26.02
N ASP B 294 -37.99 19.37 -26.82
CA ASP B 294 -39.23 19.28 -27.60
C ASP B 294 -39.20 18.12 -28.60
N ASP B 295 -38.06 17.97 -29.26
CA ASP B 295 -37.88 16.92 -30.25
C ASP B 295 -36.50 16.32 -30.05
N PRO B 296 -36.42 15.21 -29.30
CA PRO B 296 -35.11 14.59 -29.03
C PRO B 296 -34.38 14.08 -30.27
N THR B 297 -35.00 14.14 -31.44
CA THR B 297 -34.31 13.75 -32.67
C THR B 297 -33.58 14.92 -33.31
N ARG B 298 -33.75 16.10 -32.77
CA ARG B 298 -33.23 17.31 -33.39
C ARG B 298 -31.97 17.80 -32.69
N LEU B 299 -30.86 17.82 -33.42
CA LEU B 299 -29.60 18.33 -32.88
C LEU B 299 -29.69 19.81 -32.54
N ILE B 300 -29.20 20.20 -31.37
CA ILE B 300 -29.12 21.62 -31.04
C ILE B 300 -27.72 22.06 -30.60
N ALA B 301 -26.80 21.11 -30.44
CA ALA B 301 -25.41 21.46 -30.17
C ALA B 301 -24.47 20.39 -30.69
N SER B 302 -23.47 20.83 -31.44
CA SER B 302 -22.47 19.96 -32.02
C SER B 302 -21.10 20.58 -31.86
N PRO B 303 -20.57 20.54 -30.62
CA PRO B 303 -19.23 21.09 -30.43
C PRO B 303 -18.24 20.34 -31.32
N ALA B 304 -17.30 21.05 -31.93
CA ALA B 304 -16.33 20.39 -32.80
C ALA B 304 -15.44 19.42 -32.05
N GLY B 305 -15.06 18.34 -32.73
CA GLY B 305 -13.99 17.48 -32.27
C GLY B 305 -14.33 16.60 -31.09
N TYR B 306 -13.27 16.12 -30.43
CA TYR B 306 -13.44 15.21 -29.31
C TYR B 306 -13.64 15.94 -27.98
N PHE B 307 -14.35 15.26 -27.08
CA PHE B 307 -14.58 15.71 -25.72
C PHE B 307 -13.45 15.19 -24.82
N MET B 308 -13.13 13.91 -24.98
CA MET B 308 -11.99 13.28 -24.31
C MET B 308 -11.33 12.31 -25.29
N ALA B 309 -10.01 12.22 -25.20
CA ALA B 309 -9.22 11.27 -25.98
C ALA B 309 -8.15 10.67 -25.05
N PRO B 310 -7.56 9.53 -25.43
CA PRO B 310 -6.62 8.90 -24.49
C PRO B 310 -5.43 9.81 -24.11
N VAL B 311 -5.19 9.89 -22.81
CA VAL B 311 -4.07 10.63 -22.22
C VAL B 311 -3.24 9.70 -21.35
N GLY B 312 -1.92 9.76 -21.48
CA GLY B 312 -1.04 9.01 -20.59
C GLY B 312 -1.32 7.51 -20.56
N GLU B 313 -1.55 6.98 -19.35
CA GLU B 313 -1.77 5.54 -19.16
C GLU B 313 -2.93 5.00 -19.99
N GLU B 314 -3.88 5.88 -20.31
CA GLU B 314 -5.09 5.49 -21.04
C GLU B 314 -4.79 4.98 -22.44
N ARG B 315 -3.64 5.38 -22.99
CA ARG B 315 -3.32 5.08 -24.38
C ARG B 315 -3.01 3.61 -24.62
N ILE B 316 -2.71 2.88 -23.55
CA ILE B 316 -2.14 1.53 -23.69
C ILE B 316 -2.99 0.50 -22.98
N GLY B 317 -3.23 -0.62 -23.65
CA GLY B 317 -3.95 -1.73 -23.02
C GLY B 317 -4.16 -2.81 -24.05
N ASP B 318 -5.12 -3.70 -23.80
CA ASP B 318 -5.38 -4.80 -24.74
C ASP B 318 -5.75 -4.27 -26.11
N VAL B 319 -6.50 -3.19 -26.14
CA VAL B 319 -6.91 -2.57 -27.38
C VAL B 319 -6.58 -1.09 -27.26
N SER B 320 -5.33 -0.76 -27.58
CA SER B 320 -4.78 0.56 -27.29
C SER B 320 -5.44 1.66 -28.12
N ASN B 321 -5.25 2.90 -27.71
CA ASN B 321 -5.71 4.05 -28.49
C ASN B 321 -7.25 4.15 -28.49
N VAL B 322 -7.86 3.76 -27.37
CA VAL B 322 -9.31 3.74 -27.21
C VAL B 322 -9.75 4.35 -25.88
N LEU B 323 -10.70 5.28 -25.94
CA LEU B 323 -11.58 5.58 -24.80
C LEU B 323 -12.98 5.12 -25.18
N PHE B 324 -13.77 4.67 -24.19
CA PHE B 324 -15.12 4.20 -24.44
C PHE B 324 -15.94 4.47 -23.18
N SER B 325 -17.14 4.99 -23.34
CA SER B 325 -18.03 5.15 -22.18
C SER B 325 -19.44 4.67 -22.48
N ASN B 326 -19.98 3.89 -21.55
CA ASN B 326 -21.39 3.56 -21.62
C ASN B 326 -22.07 3.75 -20.27
N GLY B 327 -21.52 4.64 -19.46
CA GLY B 327 -22.11 4.93 -18.17
C GLY B 327 -21.68 6.28 -17.60
N TRP B 328 -22.66 7.01 -17.05
CA TRP B 328 -22.37 8.19 -16.25
C TRP B 328 -23.51 8.43 -15.26
N ILE B 329 -23.23 9.25 -14.24
CA ILE B 329 -24.19 9.57 -13.21
C ILE B 329 -24.19 11.07 -12.97
N ALA B 330 -25.39 11.66 -13.00
CA ALA B 330 -25.57 13.07 -12.67
C ALA B 330 -26.36 13.19 -11.37
N ASP B 331 -25.73 13.72 -10.33
CA ASP B 331 -26.42 13.94 -9.05
C ASP B 331 -27.36 15.13 -9.11
N ASP B 332 -28.27 15.21 -8.14
CA ASP B 332 -29.26 16.29 -8.10
C ASP B 332 -28.62 17.67 -8.03
N ASP B 333 -27.42 17.74 -7.47
CA ASP B 333 -26.71 19.01 -7.33
C ASP B 333 -25.95 19.39 -8.62
N GLY B 334 -26.09 18.56 -9.65
CA GLY B 334 -25.47 18.88 -10.94
C GLY B 334 -24.09 18.29 -11.16
N LYS B 335 -23.51 17.67 -10.14
CA LYS B 335 -22.21 17.01 -10.31
C LYS B 335 -22.35 15.79 -11.20
N VAL B 336 -21.43 15.63 -12.15
CA VAL B 336 -21.48 14.53 -13.10
C VAL B 336 -20.24 13.67 -12.97
N PHE B 337 -20.46 12.36 -12.89
CA PHE B 337 -19.41 11.36 -12.79
C PHE B 337 -19.43 10.59 -14.10
N ILE B 338 -18.37 10.71 -14.89
CA ILE B 338 -18.29 10.03 -16.17
C ILE B 338 -17.41 8.79 -16.03
N TYR B 339 -18.00 7.63 -16.28
CA TYR B 339 -17.24 6.38 -16.20
C TYR B 339 -16.82 5.96 -17.59
N TYR B 340 -15.52 5.97 -17.83
CA TYR B 340 -15.00 5.64 -19.14
C TYR B 340 -13.87 4.62 -19.04
N ALA B 341 -13.87 3.68 -19.97
CA ALA B 341 -12.81 2.69 -20.04
C ALA B 341 -11.66 3.25 -20.88
N SER B 342 -10.45 2.79 -20.58
CA SER B 342 -9.34 3.04 -21.49
C SER B 342 -8.81 1.72 -22.04
N SER B 343 -8.63 1.69 -23.35
CA SER B 343 -7.95 0.62 -24.07
C SER B 343 -8.53 -0.76 -23.77
N ASP B 344 -9.84 -0.79 -23.56
CA ASP B 344 -10.57 -2.03 -23.27
C ASP B 344 -10.02 -2.79 -22.06
N THR B 345 -9.35 -2.07 -21.15
CA THR B 345 -8.60 -2.76 -20.10
C THR B 345 -9.02 -2.38 -18.68
N ARG B 346 -9.33 -1.10 -18.47
CA ARG B 346 -9.57 -0.60 -17.12
C ARG B 346 -10.63 0.49 -17.16
N MET B 347 -11.21 0.77 -16.00
CA MET B 347 -12.23 1.80 -15.87
C MET B 347 -11.70 3.01 -15.13
N HIS B 348 -12.04 4.19 -15.67
CA HIS B 348 -11.66 5.48 -15.07
C HIS B 348 -12.91 6.29 -14.72
N VAL B 349 -12.70 7.34 -13.92
CA VAL B 349 -13.74 8.34 -13.69
C VAL B 349 -13.21 9.72 -14.04
N ALA B 350 -14.08 10.55 -14.64
CA ALA B 350 -13.82 11.97 -14.79
C ALA B 350 -15.04 12.71 -14.25
N THR B 351 -14.81 13.86 -13.61
CA THR B 351 -15.92 14.62 -13.07
C THR B 351 -16.09 15.98 -13.73
N SER B 352 -17.34 16.43 -13.76
CA SER B 352 -17.68 17.73 -14.29
C SER B 352 -18.98 18.13 -13.63
N THR B 353 -19.66 19.12 -14.20
CA THR B 353 -21.01 19.46 -13.78
C THR B 353 -21.89 19.62 -14.99
N ILE B 354 -23.20 19.51 -14.80
CA ILE B 354 -24.12 19.74 -15.90
C ILE B 354 -23.88 21.11 -16.51
N GLU B 355 -23.69 22.13 -15.68
CA GLU B 355 -23.46 23.47 -16.19
C GLU B 355 -22.22 23.56 -17.06
N ARG B 356 -21.14 22.92 -16.62
CA ARG B 356 -19.90 22.98 -17.41
C ARG B 356 -20.04 22.21 -18.71
N LEU B 357 -20.70 21.05 -18.67
CA LEU B 357 -20.84 20.23 -19.88
C LEU B 357 -21.73 20.90 -20.91
N VAL B 358 -22.80 21.53 -20.45
CA VAL B 358 -23.65 22.31 -21.33
C VAL B 358 -22.89 23.51 -21.91
N ASP B 359 -22.12 24.20 -21.08
CA ASP B 359 -21.28 25.32 -21.49
C ASP B 359 -20.34 24.84 -22.60
N TYR B 360 -19.68 23.70 -22.36
CA TYR B 360 -18.77 23.11 -23.33
C TYR B 360 -19.47 22.82 -24.67
N CYS B 361 -20.66 22.23 -24.60
CA CYS B 361 -21.38 21.88 -25.82
C CYS B 361 -21.85 23.12 -26.59
N LEU B 362 -22.30 24.13 -25.86
CA LEU B 362 -22.88 25.31 -26.49
C LEU B 362 -21.83 26.26 -27.05
N HIS B 363 -20.64 26.31 -26.45
CA HIS B 363 -19.69 27.39 -26.77
C HIS B 363 -18.33 26.96 -27.33
N THR B 364 -18.13 25.65 -27.46
CA THR B 364 -17.05 25.15 -28.29
C THR B 364 -17.55 25.30 -29.71
N PRO B 365 -16.82 26.05 -30.55
CA PRO B 365 -17.33 26.30 -31.90
C PRO B 365 -17.58 25.02 -32.68
N GLN B 366 -18.57 25.04 -33.56
CA GLN B 366 -18.88 23.88 -34.40
C GLN B 366 -17.79 23.68 -35.43
N ASP B 367 -17.61 22.43 -35.84
CA ASP B 367 -16.61 22.10 -36.85
C ASP B 367 -17.06 22.63 -38.21
N GLY B 368 -16.24 23.48 -38.81
CA GLY B 368 -16.48 23.97 -40.17
C GLY B 368 -15.95 23.05 -41.27
N PHE B 369 -15.35 21.94 -40.84
CA PHE B 369 -14.95 20.79 -41.69
C PHE B 369 -13.71 20.95 -42.59
N SER B 370 -12.91 21.99 -42.36
CA SER B 370 -11.68 22.17 -43.13
C SER B 370 -10.60 22.88 -42.34
N SER B 371 -9.35 22.72 -42.79
CA SER B 371 -8.24 23.41 -42.15
C SER B 371 -8.43 24.94 -42.16
N SER B 372 -8.83 25.48 -43.30
CA SER B 372 -9.09 26.92 -43.39
C SER B 372 -10.13 27.40 -42.39
N ALA B 373 -11.20 26.63 -42.23
CA ALA B 373 -12.25 26.99 -41.29
C ALA B 373 -11.74 26.93 -39.85
N SER B 374 -10.99 25.88 -39.54
CA SER B 374 -10.39 25.76 -38.21
C SER B 374 -9.49 26.94 -37.91
N VAL B 375 -8.69 27.35 -38.89
CA VAL B 375 -7.78 28.49 -38.71
C VAL B 375 -8.56 29.79 -38.49
N GLU B 376 -9.64 29.99 -39.24
CA GLU B 376 -10.44 31.20 -39.05
C GLU B 376 -11.07 31.30 -37.66
N ILE B 377 -11.63 30.19 -37.17
CA ILE B 377 -12.16 30.11 -35.80
C ILE B 377 -11.07 30.44 -34.77
N LEU B 378 -9.90 29.85 -34.95
CA LEU B 378 -8.80 30.06 -34.04
C LEU B 378 -8.29 31.50 -34.06
N LYS B 379 -8.11 32.07 -35.26
CA LYS B 379 -7.65 33.46 -35.38
C LYS B 379 -8.64 34.41 -34.73
N ASN B 380 -9.94 34.11 -34.83
CA ASN B 380 -10.92 34.96 -34.17
C ASN B 380 -10.75 34.99 -32.65
N LEU B 381 -10.49 33.82 -32.05
CA LEU B 381 -10.31 33.74 -30.62
C LEU B 381 -9.02 34.43 -30.19
N ILE B 382 -7.94 34.17 -30.93
CA ILE B 382 -6.67 34.83 -30.66
C ILE B 382 -6.84 36.35 -30.65
N GLU B 383 -7.50 36.87 -31.68
CA GLU B 383 -7.71 38.31 -31.78
C GLU B 383 -8.44 38.87 -30.55
N ARG B 384 -9.47 38.17 -30.09
CA ARG B 384 -10.22 38.59 -28.91
C ARG B 384 -9.30 38.59 -27.68
N ASN B 385 -8.52 37.52 -27.51
CA ASN B 385 -7.64 37.40 -26.36
C ASN B 385 -6.52 38.43 -26.33
N LEU B 386 -5.90 38.67 -27.48
CA LEU B 386 -4.78 39.62 -27.52
C LEU B 386 -5.26 41.03 -27.19
N ARG B 387 -6.47 41.35 -27.64
CA ARG B 387 -7.12 42.63 -27.38
C ARG B 387 -7.36 42.76 -25.88
N LEU B 388 -7.79 41.67 -25.26
CA LEU B 388 -8.06 41.63 -23.83
C LEU B 388 -6.76 41.72 -23.03
N MET B 389 -5.73 41.01 -23.49
CA MET B 389 -4.46 40.91 -22.78
C MET B 389 -3.62 42.19 -22.84
N LYS B 390 -3.93 43.08 -23.78
CA LYS B 390 -3.16 44.31 -23.93
C LYS B 390 -3.56 45.33 -22.86
#